data_6OJV
#
_entry.id   6OJV
#
_cell.length_a   154.950
_cell.length_b   103.033
_cell.length_c   109.211
_cell.angle_alpha   90.00
_cell.angle_beta   128.92
_cell.angle_gamma   90.00
#
_symmetry.space_group_name_H-M   'C 1 2 1'
#
loop_
_entity.id
_entity.type
_entity.pdbx_description
1 polymer 'Thymidylate synthase,Thymidylate synthase'
2 non-polymer "2'-DEOXYURIDINE 5'-MONOPHOSPHATE"
3 non-polymer 'N-{4-[(2-amino-4-hydroxy-7H-pyrrolo[2,3-d]pyrimidin-5-yl)methyl]benzoyl}-L-glutamic acid'
4 water water
#
_entity_poly.entity_id   1
_entity_poly.type   'polypeptide(L)'
_entity_poly.pdbx_seq_one_letter_code
;MPVAGSELQYLGQIQHILRCGVRKDDRTGTGTLSVFGMQARYSLRDEFPLLTTKRVFWKGVLEELLWFIKGSTNAKELSS
KGVKIWDANGSRDFLDSLGFSTREEGDLGPVYGFQWRHFGAEYRDMESDYSGQGVDQLQRVIDTIKTNPDDRRIIMCAWN
PRDLPLMALPPCHALCQFYVVNSELSCQLYQRSGDMGLGVPFNIASYALLTYMIAHITGLKPGDFIHTLGDAHIYLNHIE
PLKIQLQREPRPFPKLRILRKVEKIDDFKAEDFQIEGYNPHPTIKMEMAV
;
_entity_poly.pdbx_strand_id   B,A,C,D
#
# COMPACT_ATOMS: atom_id res chain seq x y z
N SER A 6 -6.81 -17.57 22.01
CA SER A 6 -6.95 -18.47 20.87
C SER A 6 -5.59 -18.85 20.30
N GLU A 7 -4.74 -17.85 20.08
CA GLU A 7 -3.37 -18.13 19.67
C GLU A 7 -2.59 -18.86 20.75
N LEU A 8 -2.99 -18.72 22.01
CA LEU A 8 -2.31 -19.41 23.09
C LEU A 8 -2.36 -20.92 22.92
N GLN A 9 -3.33 -21.43 22.15
CA GLN A 9 -3.38 -22.86 21.88
C GLN A 9 -2.18 -23.31 21.06
N TYR A 10 -1.82 -22.54 20.02
CA TYR A 10 -0.64 -22.89 19.24
C TYR A 10 0.62 -22.81 20.09
N LEU A 11 0.77 -21.74 20.88
CA LEU A 11 1.93 -21.61 21.75
C LEU A 11 1.94 -22.71 22.81
N GLY A 12 0.76 -23.11 23.30
CA GLY A 12 0.72 -24.21 24.25
C GLY A 12 1.16 -25.51 23.64
N GLN A 13 0.83 -25.73 22.37
CA GLN A 13 1.30 -26.93 21.67
C GLN A 13 2.81 -26.89 21.47
N ILE A 14 3.35 -25.71 21.14
CA ILE A 14 4.80 -25.57 21.00
C ILE A 14 5.49 -25.87 22.33
N GLN A 15 4.99 -25.26 23.40
CA GLN A 15 5.58 -25.51 24.72
C GLN A 15 5.41 -26.96 25.15
N HIS A 16 4.31 -27.59 24.74
CA HIS A 16 4.06 -28.99 25.12
C HIS A 16 5.02 -29.92 24.40
N ILE A 17 5.35 -29.61 23.14
CA ILE A 17 6.28 -30.46 22.41
C ILE A 17 7.70 -30.29 22.92
N LEU A 18 8.08 -29.06 23.24
CA LEU A 18 9.43 -28.84 23.77
C LEU A 18 9.60 -29.47 25.15
N ARG A 19 8.52 -29.55 25.94
CA ARG A 19 8.62 -30.06 27.30
C ARG A 19 8.33 -31.55 27.39
N CYS A 20 7.44 -32.08 26.56
CA CYS A 20 7.04 -33.47 26.63
C CYS A 20 7.23 -34.23 25.33
N GLY A 21 7.77 -33.60 24.29
CA GLY A 21 8.04 -34.31 23.06
C GLY A 21 9.18 -35.29 23.20
N VAL A 22 9.20 -36.26 22.29
CA VAL A 22 10.21 -37.32 22.30
C VAL A 22 11.09 -37.18 21.06
N ARG A 23 12.36 -37.59 21.21
CA ARG A 23 13.29 -37.58 20.09
C ARG A 23 12.86 -38.61 19.05
N LYS A 24 12.87 -38.19 17.78
CA LYS A 24 12.39 -39.06 16.70
C LYS A 24 13.08 -38.67 15.40
N ASP A 25 13.65 -39.65 14.72
CA ASP A 25 14.21 -39.42 13.40
C ASP A 25 13.10 -39.27 12.37
N ASP A 26 13.47 -38.88 11.15
CA ASP A 26 12.48 -38.61 10.13
C ASP A 26 13.10 -38.82 8.75
N ARG A 27 12.27 -38.62 7.71
CA ARG A 27 12.71 -38.77 6.34
C ARG A 27 13.85 -37.82 6.00
N THR A 28 13.84 -36.61 6.57
CA THR A 28 14.90 -35.64 6.33
C THR A 28 16.11 -36.01 7.19
N GLY A 29 17.09 -35.11 7.26
CA GLY A 29 18.26 -35.38 8.07
C GLY A 29 18.13 -34.91 9.50
N THR A 30 17.62 -33.70 9.69
CA THR A 30 17.44 -33.16 11.03
C THR A 30 16.39 -33.95 11.79
N GLY A 31 16.66 -34.18 13.08
CA GLY A 31 15.71 -34.88 13.92
C GLY A 31 14.53 -34.01 14.31
N THR A 32 13.64 -34.59 15.12
CA THR A 32 12.45 -33.89 15.57
C THR A 32 12.18 -34.20 17.03
N LEU A 33 11.41 -33.31 17.65
CA LEU A 33 10.70 -33.59 18.90
C LEU A 33 9.24 -33.80 18.56
N SER A 34 8.73 -35.01 18.79
CA SER A 34 7.44 -35.42 18.25
C SER A 34 6.42 -35.68 19.35
N VAL A 35 5.17 -35.33 19.06
CA VAL A 35 4.02 -35.64 19.90
C VAL A 35 2.87 -36.04 18.98
N PHE A 36 2.23 -37.17 19.27
CA PHE A 36 1.17 -37.71 18.42
C PHE A 36 -0.19 -37.47 19.06
N GLY A 37 -1.06 -36.76 18.34
CA GLY A 37 -2.41 -36.51 18.78
C GLY A 37 -2.61 -35.15 19.44
N MET A 38 -3.11 -34.18 18.68
CA MET A 38 -3.37 -32.84 19.21
C MET A 38 -4.60 -32.27 18.53
N GLN A 39 -5.19 -31.26 19.18
CA GLN A 39 -6.35 -30.58 18.63
C GLN A 39 -6.42 -29.16 19.17
N ALA A 40 -6.79 -28.23 18.29
CA ALA A 40 -6.97 -26.84 18.66
C ALA A 40 -8.18 -26.28 17.92
N ARG A 41 -8.85 -25.32 18.55
CA ARG A 41 -10.06 -24.71 17.99
C ARG A 41 -9.82 -23.22 17.84
N TYR A 42 -9.84 -22.74 16.59
CA TYR A 42 -9.64 -21.33 16.29
C TYR A 42 -10.95 -20.74 15.81
N SER A 43 -11.43 -19.72 16.53
CA SER A 43 -12.68 -19.07 16.18
C SER A 43 -12.48 -18.17 14.98
N LEU A 44 -13.38 -18.26 14.01
CA LEU A 44 -13.36 -17.42 12.82
C LEU A 44 -14.36 -16.28 12.91
N ARG A 45 -15.00 -16.09 14.05
CA ARG A 45 -16.05 -15.08 14.20
C ARG A 45 -15.40 -13.72 14.46
N ASP A 46 -15.51 -12.83 13.48
CA ASP A 46 -15.02 -11.45 13.59
C ASP A 46 -13.51 -11.41 13.83
N GLU A 47 -12.80 -12.45 13.40
CA GLU A 47 -11.33 -12.44 13.47
C GLU A 47 -10.79 -13.51 12.55
N PHE A 48 -9.50 -13.39 12.24
CA PHE A 48 -8.81 -14.31 11.34
C PHE A 48 -7.55 -14.82 12.05
N PRO A 49 -7.37 -16.13 12.19
CA PRO A 49 -6.23 -16.67 12.95
C PRO A 49 -4.91 -16.59 12.20
N LEU A 50 -4.42 -15.37 12.02
CA LEU A 50 -3.08 -15.13 11.49
C LEU A 50 -2.17 -14.81 12.67
N LEU A 51 -1.18 -15.66 12.89
CA LEU A 51 -0.38 -15.60 14.11
C LEU A 51 0.25 -14.23 14.29
N THR A 52 0.26 -13.75 15.54
CA THR A 52 0.85 -12.46 15.88
C THR A 52 2.20 -12.58 16.56
N THR A 53 2.52 -13.74 17.15
CA THR A 53 3.83 -13.93 17.77
C THR A 53 4.96 -13.99 16.75
N LYS A 54 4.65 -14.03 15.45
CA LYS A 54 5.64 -13.88 14.40
C LYS A 54 4.93 -13.46 13.13
N ARG A 55 5.59 -12.62 12.33
CA ARG A 55 5.00 -12.18 11.07
C ARG A 55 4.88 -13.37 10.13
N VAL A 56 3.67 -13.65 9.67
CA VAL A 56 3.40 -14.79 8.79
C VAL A 56 3.33 -14.29 7.36
N PHE A 57 3.98 -15.01 6.44
CA PHE A 57 3.97 -14.65 5.04
C PHE A 57 2.56 -14.79 4.48
N TRP A 58 1.75 -13.74 4.63
CA TRP A 58 0.35 -13.84 4.23
C TRP A 58 0.22 -13.97 2.72
N LYS A 59 1.09 -13.30 1.96
CA LYS A 59 1.05 -13.44 0.51
C LYS A 59 1.33 -14.87 0.08
N GLY A 60 2.22 -15.56 0.80
CA GLY A 60 2.45 -16.96 0.51
C GLY A 60 1.25 -17.83 0.83
N VAL A 61 0.55 -17.52 1.91
CA VAL A 61 -0.64 -18.28 2.26
C VAL A 61 -1.74 -18.07 1.22
N LEU A 62 -1.93 -16.81 0.79
CA LEU A 62 -3.00 -16.51 -0.15
C LEU A 62 -2.70 -17.09 -1.53
N GLU A 63 -1.48 -16.87 -2.04
CA GLU A 63 -1.15 -17.34 -3.38
C GLU A 63 -1.14 -18.86 -3.45
N GLU A 64 -0.78 -19.55 -2.37
CA GLU A 64 -0.77 -21.01 -2.38
C GLU A 64 -2.19 -21.57 -2.47
N LEU A 65 -3.15 -20.93 -1.81
CA LEU A 65 -4.52 -21.42 -1.85
C LEU A 65 -5.15 -21.20 -3.23
N LEU A 66 -4.95 -20.02 -3.81
CA LEU A 66 -5.39 -19.80 -5.18
C LEU A 66 -4.72 -20.78 -6.13
N TRP A 67 -3.47 -21.14 -5.85
CA TRP A 67 -2.78 -22.16 -6.62
C TRP A 67 -3.39 -23.54 -6.41
N PHE A 68 -3.90 -23.83 -5.21
CA PHE A 68 -4.60 -25.08 -4.97
C PHE A 68 -5.94 -25.09 -5.69
N ILE A 69 -6.70 -24.01 -5.58
CA ILE A 69 -8.04 -23.95 -6.18
C ILE A 69 -7.94 -24.05 -7.69
N LYS A 70 -6.89 -23.48 -8.28
CA LYS A 70 -6.67 -23.56 -9.72
C LYS A 70 -6.37 -24.97 -10.18
N GLY A 71 -6.19 -25.92 -9.25
CA GLY A 71 -5.89 -27.30 -9.61
C GLY A 71 -4.48 -27.54 -10.07
N SER A 72 -3.57 -26.60 -9.88
CA SER A 72 -2.21 -26.73 -10.38
C SER A 72 -1.36 -27.61 -9.47
N THR A 73 -0.52 -28.44 -10.10
CA THR A 73 0.49 -29.21 -9.39
C THR A 73 1.89 -28.80 -9.82
N ASN A 74 2.01 -27.61 -10.43
CA ASN A 74 3.28 -27.10 -10.94
C ASN A 74 3.83 -26.08 -9.94
N ALA A 75 4.97 -26.41 -9.32
CA ALA A 75 5.61 -25.49 -8.40
C ALA A 75 6.10 -24.23 -9.10
N LYS A 76 6.36 -24.31 -10.41
CA LYS A 76 6.79 -23.13 -11.15
C LYS A 76 5.70 -22.07 -11.21
N GLU A 77 4.43 -22.49 -11.29
CA GLU A 77 3.34 -21.51 -11.37
C GLU A 77 3.18 -20.75 -10.07
N LEU A 78 3.39 -21.41 -8.93
CA LEU A 78 3.35 -20.71 -7.66
C LEU A 78 4.62 -19.87 -7.46
N SER A 79 5.76 -20.38 -7.90
CA SER A 79 7.02 -19.65 -7.74
C SER A 79 7.04 -18.38 -8.58
N SER A 80 6.31 -18.36 -9.70
CA SER A 80 6.25 -17.15 -10.52
C SER A 80 5.49 -16.04 -9.83
N LYS A 81 4.71 -16.36 -8.80
CA LYS A 81 4.01 -15.36 -8.01
C LYS A 81 4.85 -14.83 -6.84
N GLY A 82 6.11 -15.22 -6.76
CA GLY A 82 6.97 -14.81 -5.66
C GLY A 82 6.91 -15.69 -4.44
N VAL A 83 6.33 -16.88 -4.53
CA VAL A 83 6.16 -17.80 -3.41
C VAL A 83 6.97 -19.06 -3.72
N LYS A 84 8.11 -19.22 -3.06
CA LYS A 84 9.02 -20.32 -3.35
C LYS A 84 8.91 -21.48 -2.37
N ILE A 85 7.79 -21.58 -1.63
CA ILE A 85 7.70 -22.57 -0.56
C ILE A 85 7.68 -24.00 -1.09
N TRP A 86 7.25 -24.21 -2.33
CA TRP A 86 7.22 -25.55 -2.91
C TRP A 86 8.34 -25.79 -3.90
N ASP A 87 9.28 -24.85 -4.03
CA ASP A 87 10.34 -25.01 -5.01
C ASP A 87 11.29 -26.13 -4.61
N ALA A 88 11.54 -26.30 -3.31
CA ALA A 88 12.47 -27.32 -2.86
C ALA A 88 11.98 -28.72 -3.18
N ASN A 89 10.73 -29.02 -2.82
CA ASN A 89 10.17 -30.34 -3.10
C ASN A 89 9.89 -30.56 -4.58
N GLY A 90 10.04 -29.54 -5.42
CA GLY A 90 9.88 -29.67 -6.85
C GLY A 90 11.16 -29.56 -7.65
N SER A 91 12.32 -29.51 -7.02
CA SER A 91 13.57 -29.33 -7.72
C SER A 91 13.96 -30.61 -8.48
N ARG A 92 14.91 -30.46 -9.39
CA ARG A 92 15.39 -31.59 -10.19
C ARG A 92 16.10 -32.63 -9.34
N ASP A 93 16.91 -32.19 -8.38
CA ASP A 93 17.63 -33.14 -7.53
C ASP A 93 16.67 -33.89 -6.62
N PHE A 94 15.65 -33.20 -6.11
CA PHE A 94 14.69 -33.85 -5.21
C PHE A 94 13.88 -34.90 -5.95
N LEU A 95 13.41 -34.58 -7.16
CA LEU A 95 12.65 -35.56 -7.94
C LEU A 95 13.53 -36.74 -8.34
N ASP A 96 14.81 -36.50 -8.61
CA ASP A 96 15.72 -37.59 -8.93
C ASP A 96 15.93 -38.50 -7.72
N SER A 97 15.95 -37.92 -6.51
CA SER A 97 16.13 -38.72 -5.31
C SER A 97 14.93 -39.62 -5.04
N LEU A 98 13.78 -39.34 -5.66
CA LEU A 98 12.59 -40.16 -5.53
C LEU A 98 12.44 -41.14 -6.69
N GLY A 99 13.35 -41.13 -7.64
CA GLY A 99 13.24 -41.96 -8.82
C GLY A 99 12.51 -41.33 -9.99
N PHE A 100 12.13 -40.05 -9.88
CA PHE A 100 11.39 -39.37 -10.94
C PHE A 100 12.34 -38.74 -11.95
N SER A 101 13.18 -39.59 -12.54
CA SER A 101 14.20 -39.12 -13.47
C SER A 101 13.61 -38.60 -14.78
N THR A 102 12.39 -39.00 -15.12
CA THR A 102 11.74 -38.58 -16.35
C THR A 102 10.71 -37.49 -16.13
N ARG A 103 10.62 -36.96 -14.93
CA ARG A 103 9.65 -35.93 -14.60
C ARG A 103 10.22 -34.54 -14.90
N GLU A 104 9.35 -33.63 -15.32
CA GLU A 104 9.77 -32.26 -15.55
C GLU A 104 9.95 -31.55 -14.20
N GLU A 105 10.78 -30.50 -14.21
CA GLU A 105 11.06 -29.78 -12.98
C GLU A 105 9.84 -28.95 -12.57
N GLY A 106 9.50 -29.01 -11.28
CA GLY A 106 8.34 -28.33 -10.76
C GLY A 106 7.10 -29.21 -10.66
N ASP A 107 7.11 -30.37 -11.30
CA ASP A 107 5.97 -31.28 -11.30
C ASP A 107 5.98 -32.05 -9.98
N LEU A 108 5.13 -31.64 -9.04
CA LEU A 108 5.05 -32.29 -7.75
C LEU A 108 4.27 -33.60 -7.81
N GLY A 109 3.65 -33.92 -8.94
CA GLY A 109 2.82 -35.10 -9.03
C GLY A 109 1.39 -34.82 -8.62
N PRO A 110 0.57 -35.86 -8.52
CA PRO A 110 -0.84 -35.67 -8.12
C PRO A 110 -0.97 -35.24 -6.68
N VAL A 111 -0.96 -33.93 -6.42
CA VAL A 111 -0.97 -33.44 -5.05
C VAL A 111 -2.26 -32.65 -4.79
N TYR A 112 -2.19 -31.71 -3.84
CA TYR A 112 -3.39 -31.03 -3.33
C TYR A 112 -4.26 -30.51 -4.47
N GLY A 113 -3.66 -29.78 -5.41
CA GLY A 113 -4.46 -29.17 -6.47
C GLY A 113 -5.12 -30.20 -7.36
N PHE A 114 -4.43 -31.31 -7.62
CA PHE A 114 -5.00 -32.35 -8.48
C PHE A 114 -6.09 -33.12 -7.75
N GLN A 115 -5.90 -33.42 -6.47
CA GLN A 115 -6.86 -34.21 -5.71
C GLN A 115 -8.11 -33.42 -5.35
N TRP A 116 -7.98 -32.11 -5.14
CA TRP A 116 -9.15 -31.30 -4.79
C TRP A 116 -10.15 -31.24 -5.94
N ARG A 117 -9.65 -31.16 -7.17
CA ARG A 117 -10.50 -30.90 -8.33
C ARG A 117 -10.66 -32.08 -9.28
N HIS A 118 -9.78 -33.07 -9.21
CA HIS A 118 -9.81 -34.19 -10.15
C HIS A 118 -9.46 -35.49 -9.45
N PHE A 119 -10.10 -35.77 -8.32
CA PHE A 119 -9.84 -37.01 -7.61
C PHE A 119 -10.33 -38.21 -8.42
N GLY A 120 -9.43 -39.16 -8.65
CA GLY A 120 -9.75 -40.35 -9.41
C GLY A 120 -9.23 -40.36 -10.82
N ALA A 121 -8.95 -39.19 -11.40
CA ALA A 121 -8.42 -39.13 -12.75
C ALA A 121 -7.00 -39.68 -12.79
N GLU A 122 -6.62 -40.23 -13.93
CA GLU A 122 -5.27 -40.75 -14.10
C GLU A 122 -4.33 -39.59 -14.40
N TYR A 123 -3.33 -39.43 -13.56
CA TYR A 123 -2.40 -38.31 -13.67
C TYR A 123 -1.38 -38.57 -14.76
N ARG A 124 -1.19 -37.58 -15.65
CA ARG A 124 -0.19 -37.67 -16.69
C ARG A 124 1.01 -36.80 -16.34
N ASP A 125 0.87 -35.49 -16.47
CA ASP A 125 1.91 -34.54 -16.06
C ASP A 125 1.23 -33.27 -15.57
N MET A 126 2.06 -32.32 -15.13
CA MET A 126 1.53 -31.09 -14.53
C MET A 126 0.86 -30.16 -15.53
N GLU A 127 1.13 -30.33 -16.83
CA GLU A 127 0.55 -29.46 -17.85
C GLU A 127 -0.60 -30.10 -18.60
N SER A 128 -0.95 -31.35 -18.30
CA SER A 128 -2.03 -32.01 -19.01
C SER A 128 -3.38 -31.41 -18.62
N ASP A 129 -4.35 -31.56 -19.51
CA ASP A 129 -5.70 -31.09 -19.28
C ASP A 129 -6.50 -32.19 -18.59
N TYR A 130 -7.01 -31.88 -17.40
CA TYR A 130 -7.81 -32.83 -16.63
C TYR A 130 -9.25 -32.36 -16.46
N SER A 131 -9.65 -31.31 -17.17
CA SER A 131 -11.00 -30.77 -17.03
C SER A 131 -12.03 -31.82 -17.42
N GLY A 132 -13.01 -32.01 -16.55
CA GLY A 132 -14.03 -33.03 -16.74
C GLY A 132 -13.64 -34.40 -16.23
N GLN A 133 -12.40 -34.57 -15.80
CA GLN A 133 -11.91 -35.86 -15.32
C GLN A 133 -11.81 -35.84 -13.80
N GLY A 134 -12.20 -36.95 -13.19
CA GLY A 134 -12.12 -37.09 -11.75
C GLY A 134 -13.27 -36.39 -11.03
N VAL A 135 -13.22 -36.47 -9.70
CA VAL A 135 -14.24 -35.88 -8.85
C VAL A 135 -13.78 -34.50 -8.41
N ASP A 136 -14.64 -33.51 -8.64
CA ASP A 136 -14.38 -32.14 -8.20
C ASP A 136 -14.88 -32.01 -6.78
N GLN A 137 -14.01 -32.36 -5.82
CA GLN A 137 -14.41 -32.35 -4.41
C GLN A 137 -14.74 -30.94 -3.94
N LEU A 138 -13.95 -29.96 -4.37
CA LEU A 138 -14.13 -28.59 -3.88
C LEU A 138 -15.50 -28.05 -4.26
N GLN A 139 -15.89 -28.24 -5.52
CA GLN A 139 -17.19 -27.74 -5.97
C GLN A 139 -18.33 -28.56 -5.38
N ARG A 140 -18.15 -29.87 -5.25
CA ARG A 140 -19.19 -30.69 -4.64
C ARG A 140 -19.38 -30.34 -3.17
N VAL A 141 -18.33 -29.88 -2.50
CA VAL A 141 -18.46 -29.38 -1.14
C VAL A 141 -19.36 -28.14 -1.11
N ILE A 142 -19.07 -27.18 -2.00
CA ILE A 142 -19.83 -25.94 -2.05
C ILE A 142 -21.29 -26.21 -2.41
N ASP A 143 -21.51 -27.13 -3.36
CA ASP A 143 -22.88 -27.43 -3.78
C ASP A 143 -23.64 -28.13 -2.67
N THR A 144 -22.99 -29.01 -1.92
CA THR A 144 -23.66 -29.70 -0.82
C THR A 144 -24.05 -28.73 0.29
N ILE A 145 -23.18 -27.74 0.56
CA ILE A 145 -23.49 -26.75 1.58
C ILE A 145 -24.71 -25.93 1.17
N LYS A 146 -24.81 -25.60 -0.12
CA LYS A 146 -25.94 -24.78 -0.58
C LYS A 146 -27.25 -25.55 -0.48
N THR A 147 -27.23 -26.84 -0.80
CA THR A 147 -28.45 -27.63 -0.91
C THR A 147 -28.77 -28.46 0.32
N ASN A 148 -27.79 -28.79 1.15
CA ASN A 148 -28.02 -29.62 2.33
C ASN A 148 -26.95 -29.30 3.36
N PRO A 149 -27.15 -28.24 4.14
CA PRO A 149 -26.15 -27.88 5.16
C PRO A 149 -26.02 -28.90 6.28
N ASP A 150 -27.03 -29.73 6.52
CA ASP A 150 -26.98 -30.72 7.60
C ASP A 150 -26.17 -31.95 7.24
N ASP A 151 -25.67 -32.05 6.02
CA ASP A 151 -24.95 -33.24 5.59
C ASP A 151 -23.67 -33.40 6.42
N ARG A 152 -23.42 -34.62 6.87
CA ARG A 152 -22.23 -34.95 7.64
C ARG A 152 -21.14 -35.57 6.78
N ARG A 153 -21.22 -35.42 5.47
CA ARG A 153 -20.26 -36.02 4.55
C ARG A 153 -19.55 -34.97 3.70
N ILE A 154 -19.63 -33.70 4.09
CA ILE A 154 -19.00 -32.61 3.33
C ILE A 154 -17.51 -32.66 3.60
N ILE A 155 -16.79 -33.47 2.82
CA ILE A 155 -15.38 -33.76 3.05
C ILE A 155 -14.61 -33.52 1.77
N MET A 156 -13.43 -32.92 1.89
CA MET A 156 -12.49 -32.80 0.79
C MET A 156 -11.20 -33.51 1.20
N CYS A 157 -10.91 -34.63 0.55
CA CYS A 157 -9.79 -35.49 0.91
C CYS A 157 -8.72 -35.48 -0.17
N ALA A 158 -7.48 -35.19 0.23
CA ALA A 158 -6.35 -35.18 -0.69
C ALA A 158 -5.50 -36.44 -0.61
N TRP A 159 -5.75 -37.32 0.34
CA TRP A 159 -4.96 -38.53 0.49
C TRP A 159 -5.50 -39.60 -0.46
N ASN A 160 -4.77 -39.84 -1.56
CA ASN A 160 -5.16 -40.83 -2.55
C ASN A 160 -4.14 -41.96 -2.53
N PRO A 161 -4.43 -43.07 -1.85
CA PRO A 161 -3.43 -44.15 -1.75
C PRO A 161 -2.94 -44.66 -3.10
N ARG A 162 -3.74 -44.56 -4.15
CA ARG A 162 -3.31 -45.03 -5.46
C ARG A 162 -2.25 -44.12 -6.07
N ASP A 163 -2.37 -42.81 -5.86
CA ASP A 163 -1.46 -41.83 -6.44
C ASP A 163 -0.26 -41.52 -5.56
N LEU A 164 -0.15 -42.17 -4.39
CA LEU A 164 0.96 -41.86 -3.48
C LEU A 164 2.33 -42.04 -4.10
N PRO A 165 2.64 -43.12 -4.81
CA PRO A 165 4.00 -43.27 -5.36
C PRO A 165 4.37 -42.22 -6.40
N LEU A 166 3.41 -41.48 -6.95
CA LEU A 166 3.68 -40.46 -7.95
C LEU A 166 3.86 -39.07 -7.37
N MET A 167 3.66 -38.90 -6.06
CA MET A 167 3.73 -37.58 -5.44
C MET A 167 5.14 -37.27 -4.99
N ALA A 168 5.59 -36.04 -5.25
CA ALA A 168 6.87 -35.60 -4.72
C ALA A 168 6.83 -35.47 -3.21
N LEU A 169 5.68 -35.10 -2.66
CA LEU A 169 5.48 -35.04 -1.22
C LEU A 169 4.01 -35.33 -0.93
N PRO A 170 3.70 -36.44 -0.27
CA PRO A 170 2.30 -36.76 0.00
C PRO A 170 1.65 -35.68 0.84
N PRO A 171 0.34 -35.50 0.72
CA PRO A 171 -0.33 -34.37 1.38
C PRO A 171 -0.19 -34.41 2.89
N CYS A 172 0.22 -33.28 3.46
CA CYS A 172 0.32 -33.17 4.91
C CYS A 172 -1.02 -32.81 5.53
N HIS A 173 -1.72 -31.83 4.97
CA HIS A 173 -3.12 -31.59 5.30
C HIS A 173 -3.93 -32.48 4.37
N ALA A 174 -4.30 -33.67 4.86
CA ALA A 174 -4.77 -34.75 4.01
C ALA A 174 -6.29 -34.80 3.88
N LEU A 175 -7.02 -34.29 4.86
CA LEU A 175 -8.47 -34.40 4.85
C LEU A 175 -9.05 -33.23 5.62
N CYS A 176 -10.11 -32.63 5.07
CA CYS A 176 -10.83 -31.57 5.75
C CYS A 176 -12.32 -31.82 5.62
N GLN A 177 -13.07 -31.44 6.65
CA GLN A 177 -14.51 -31.62 6.71
C GLN A 177 -15.15 -30.30 7.07
N PHE A 178 -16.30 -30.03 6.48
CA PHE A 178 -17.05 -28.81 6.75
C PHE A 178 -18.34 -29.13 7.48
N TYR A 179 -18.88 -28.12 8.15
CA TYR A 179 -19.98 -28.31 9.08
C TYR A 179 -20.78 -27.02 9.14
N VAL A 180 -22.11 -27.14 9.03
CA VAL A 180 -22.99 -25.98 9.01
C VAL A 180 -24.07 -26.16 10.06
N VAL A 181 -24.25 -25.15 10.91
CA VAL A 181 -25.36 -25.10 11.85
C VAL A 181 -25.56 -23.64 12.22
N ASN A 182 -26.83 -23.25 12.37
CA ASN A 182 -27.20 -21.88 12.71
C ASN A 182 -26.55 -20.87 11.78
N SER A 183 -26.52 -21.22 10.49
CA SER A 183 -25.95 -20.38 9.42
C SER A 183 -24.46 -20.11 9.63
N GLU A 184 -23.79 -20.93 10.43
CA GLU A 184 -22.35 -20.80 10.66
C GLU A 184 -21.63 -21.95 9.98
N LEU A 185 -20.54 -21.63 9.27
CA LEU A 185 -19.72 -22.63 8.59
C LEU A 185 -18.46 -22.87 9.38
N SER A 186 -18.24 -24.12 9.79
CA SER A 186 -17.02 -24.51 10.49
C SER A 186 -16.26 -25.52 9.66
N CYS A 187 -14.96 -25.62 9.93
CA CYS A 187 -14.07 -26.48 9.16
C CYS A 187 -13.09 -27.17 10.11
N GLN A 188 -12.91 -28.47 9.91
CA GLN A 188 -11.90 -29.23 10.63
C GLN A 188 -10.92 -29.84 9.66
N LEU A 189 -9.63 -29.76 10.00
CA LEU A 189 -8.56 -30.27 9.17
C LEU A 189 -7.83 -31.37 9.92
N TYR A 190 -7.65 -32.51 9.28
CA TYR A 190 -6.78 -33.57 9.80
C TYR A 190 -5.45 -33.48 9.09
N GLN A 191 -4.42 -33.05 9.82
CA GLN A 191 -3.07 -32.92 9.28
C GLN A 191 -2.23 -34.08 9.79
N ARG A 192 -1.90 -35.00 8.89
CA ARG A 192 -1.14 -36.19 9.27
C ARG A 192 0.24 -35.83 9.79
N SER A 193 0.81 -34.73 9.32
CA SER A 193 2.19 -34.37 9.65
C SER A 193 2.28 -32.86 9.73
N GLY A 194 2.76 -32.36 10.85
CA GLY A 194 2.80 -30.93 11.08
C GLY A 194 4.16 -30.38 11.45
N ASP A 195 4.77 -29.65 10.52
CA ASP A 195 5.96 -28.85 10.83
C ASP A 195 5.49 -27.67 11.66
N MET A 196 5.64 -27.77 12.99
CA MET A 196 5.04 -26.79 13.89
C MET A 196 5.62 -25.40 13.69
N GLY A 197 6.87 -25.30 13.27
CA GLY A 197 7.52 -24.02 13.10
C GLY A 197 7.26 -23.35 11.77
N LEU A 198 7.11 -24.16 10.72
CA LEU A 198 7.02 -23.64 9.36
C LEU A 198 5.64 -23.87 8.76
N GLY A 199 5.25 -25.13 8.53
CA GLY A 199 4.04 -25.40 7.78
C GLY A 199 2.77 -25.11 8.57
N VAL A 200 2.77 -25.43 9.86
CA VAL A 200 1.53 -25.34 10.64
C VAL A 200 0.96 -23.92 10.69
N PRO A 201 1.75 -22.86 10.95
CA PRO A 201 1.16 -21.51 10.89
C PRO A 201 0.62 -21.16 9.50
N PHE A 202 1.29 -21.63 8.44
CA PHE A 202 0.74 -21.48 7.10
C PHE A 202 -0.58 -22.22 6.95
N ASN A 203 -0.60 -23.49 7.37
CA ASN A 203 -1.77 -24.33 7.16
C ASN A 203 -2.99 -23.80 7.91
N ILE A 204 -2.78 -23.29 9.12
CA ILE A 204 -3.89 -22.77 9.92
C ILE A 204 -4.52 -21.58 9.22
N ALA A 205 -3.70 -20.65 8.72
CA ALA A 205 -4.24 -19.51 8.00
C ALA A 205 -4.79 -19.92 6.64
N SER A 206 -4.21 -20.97 6.05
CA SER A 206 -4.65 -21.40 4.73
C SER A 206 -6.08 -21.91 4.78
N TYR A 207 -6.37 -22.84 5.69
CA TYR A 207 -7.71 -23.40 5.78
C TYR A 207 -8.71 -22.44 6.43
N ALA A 208 -8.24 -21.47 7.22
CA ALA A 208 -9.13 -20.41 7.67
C ALA A 208 -9.55 -19.54 6.50
N LEU A 209 -8.62 -19.22 5.61
CA LEU A 209 -8.96 -18.44 4.42
C LEU A 209 -9.92 -19.20 3.52
N LEU A 210 -9.71 -20.51 3.36
CA LEU A 210 -10.61 -21.32 2.55
C LEU A 210 -12.02 -21.33 3.13
N THR A 211 -12.13 -21.40 4.46
CA THR A 211 -13.45 -21.36 5.10
C THR A 211 -14.12 -20.00 4.88
N TYR A 212 -13.32 -18.93 4.90
CA TYR A 212 -13.88 -17.60 4.58
C TYR A 212 -14.37 -17.54 3.14
N MET A 213 -13.65 -18.21 2.22
CA MET A 213 -14.07 -18.21 0.82
C MET A 213 -15.39 -18.93 0.63
N ILE A 214 -15.51 -20.14 1.20
CA ILE A 214 -16.71 -20.94 1.01
C ILE A 214 -17.91 -20.30 1.71
N ALA A 215 -17.70 -19.75 2.90
CA ALA A 215 -18.79 -19.07 3.59
C ALA A 215 -19.26 -17.86 2.79
N HIS A 216 -18.33 -17.17 2.14
CA HIS A 216 -18.69 -16.02 1.31
C HIS A 216 -19.50 -16.47 0.10
N ILE A 217 -19.17 -17.62 -0.48
CA ILE A 217 -19.87 -18.10 -1.67
C ILE A 217 -21.27 -18.57 -1.30
N THR A 218 -21.38 -19.34 -0.23
CA THR A 218 -22.67 -19.90 0.19
C THR A 218 -23.48 -18.94 1.05
N GLY A 219 -22.99 -17.74 1.32
CA GLY A 219 -23.73 -16.80 2.14
C GLY A 219 -23.80 -17.16 3.61
N LEU A 220 -22.80 -17.84 4.14
CA LEU A 220 -22.75 -18.22 5.54
C LEU A 220 -21.70 -17.40 6.28
N LYS A 221 -21.77 -17.43 7.62
CA LYS A 221 -20.83 -16.72 8.47
C LYS A 221 -19.78 -17.70 9.00
N PRO A 222 -18.50 -17.32 8.97
CA PRO A 222 -17.46 -18.23 9.48
C PRO A 222 -17.63 -18.52 10.96
N GLY A 223 -17.43 -19.79 11.32
CA GLY A 223 -17.58 -20.22 12.70
C GLY A 223 -16.28 -20.58 13.38
N ASP A 224 -15.96 -21.87 13.40
CA ASP A 224 -14.74 -22.37 14.03
C ASP A 224 -13.87 -23.10 13.03
N PHE A 225 -12.56 -23.07 13.25
CA PHE A 225 -11.62 -23.91 12.54
C PHE A 225 -10.96 -24.84 13.56
N ILE A 226 -11.21 -26.13 13.43
CA ILE A 226 -10.67 -27.14 14.33
C ILE A 226 -9.44 -27.74 13.66
N HIS A 227 -8.26 -27.51 14.25
CA HIS A 227 -7.00 -27.99 13.71
C HIS A 227 -6.61 -29.26 14.46
N THR A 228 -6.70 -30.41 13.78
CA THR A 228 -6.33 -31.69 14.36
C THR A 228 -4.99 -32.13 13.77
N LEU A 229 -4.04 -32.46 14.64
CA LEU A 229 -2.70 -32.83 14.23
C LEU A 229 -2.46 -34.30 14.52
N GLY A 230 -1.76 -34.97 13.62
CA GLY A 230 -1.30 -36.33 13.84
C GLY A 230 0.08 -36.34 14.44
N ASP A 231 1.10 -36.36 13.59
CA ASP A 231 2.49 -36.28 14.05
C ASP A 231 2.87 -34.80 14.10
N ALA A 232 2.63 -34.18 15.25
CA ALA A 232 3.06 -32.82 15.50
C ALA A 232 4.52 -32.85 15.98
N HIS A 233 5.42 -32.32 15.15
CA HIS A 233 6.85 -32.42 15.41
C HIS A 233 7.52 -31.06 15.27
N ILE A 234 8.57 -30.85 16.06
CA ILE A 234 9.41 -29.66 16.00
C ILE A 234 10.80 -30.10 15.56
N TYR A 235 11.25 -29.60 14.41
CA TYR A 235 12.58 -29.92 13.91
C TYR A 235 13.64 -29.35 14.85
N LEU A 236 14.81 -30.00 14.86
CA LEU A 236 15.87 -29.60 15.79
C LEU A 236 16.34 -28.18 15.53
N ASN A 237 16.50 -27.82 14.26
CA ASN A 237 16.93 -26.47 13.90
C ASN A 237 15.84 -25.42 14.06
N HIS A 238 14.70 -25.77 14.65
CA HIS A 238 13.63 -24.83 14.97
C HIS A 238 13.45 -24.61 16.46
N ILE A 239 14.23 -25.31 17.29
CA ILE A 239 14.02 -25.25 18.74
C ILE A 239 14.32 -23.85 19.27
N GLU A 240 15.46 -23.28 18.88
CA GLU A 240 15.83 -21.95 19.35
C GLU A 240 14.95 -20.86 18.75
N PRO A 241 14.61 -20.92 17.45
CA PRO A 241 13.64 -19.92 16.95
C PRO A 241 12.29 -20.00 17.64
N LEU A 242 11.79 -21.21 17.92
CA LEU A 242 10.50 -21.33 18.58
C LEU A 242 10.57 -20.93 20.06
N LYS A 243 11.73 -21.14 20.70
CA LYS A 243 11.89 -20.67 22.08
C LYS A 243 11.83 -19.16 22.16
N ILE A 244 12.27 -18.47 21.10
CA ILE A 244 12.15 -17.02 21.06
C ILE A 244 10.71 -16.60 20.87
N GLN A 245 10.00 -17.25 19.94
CA GLN A 245 8.60 -16.93 19.69
C GLN A 245 7.73 -17.17 20.92
N LEU A 246 8.08 -18.17 21.73
CA LEU A 246 7.32 -18.48 22.92
C LEU A 246 7.41 -17.40 23.99
N GLN A 247 8.36 -16.48 23.87
CA GLN A 247 8.50 -15.39 24.84
C GLN A 247 7.74 -14.14 24.45
N ARG A 248 7.09 -14.12 23.29
CA ARG A 248 6.37 -12.94 22.83
C ARG A 248 4.91 -12.98 23.24
N GLU A 249 4.42 -11.84 23.71
CA GLU A 249 3.02 -11.73 24.14
C GLU A 249 2.10 -11.67 22.92
N PRO A 250 1.11 -12.55 22.81
CA PRO A 250 0.23 -12.53 21.64
C PRO A 250 -0.64 -11.28 21.62
N ARG A 251 -0.88 -10.79 20.41
CA ARG A 251 -1.68 -9.61 20.16
C ARG A 251 -2.99 -9.99 19.47
N PRO A 252 -4.00 -9.13 19.52
CA PRO A 252 -5.31 -9.50 18.94
C PRO A 252 -5.17 -9.89 17.47
N PHE A 253 -5.98 -10.88 17.08
CA PHE A 253 -5.95 -11.36 15.71
C PHE A 253 -6.43 -10.28 14.74
N PRO A 254 -5.90 -10.27 13.51
CA PRO A 254 -6.40 -9.32 12.52
C PRO A 254 -7.77 -9.73 11.97
N LYS A 255 -8.25 -9.03 10.96
CA LYS A 255 -9.51 -9.35 10.33
C LYS A 255 -9.30 -9.52 8.84
N LEU A 256 -10.14 -10.36 8.22
CA LEU A 256 -10.09 -10.61 6.79
C LEU A 256 -11.35 -10.05 6.15
N ARG A 257 -11.17 -9.12 5.22
CA ARG A 257 -12.27 -8.49 4.50
C ARG A 257 -12.21 -8.88 3.04
N ILE A 258 -13.34 -9.34 2.50
CA ILE A 258 -13.46 -9.67 1.09
C ILE A 258 -14.10 -8.47 0.40
N LEU A 259 -13.43 -7.95 -0.63
CA LEU A 259 -13.75 -6.64 -1.18
C LEU A 259 -14.87 -6.65 -2.21
N ARG A 260 -15.28 -7.81 -2.72
CA ARG A 260 -16.36 -7.82 -3.68
C ARG A 260 -17.14 -9.12 -3.53
N LYS A 261 -18.38 -9.11 -4.02
CA LYS A 261 -19.24 -10.29 -3.99
C LYS A 261 -18.80 -11.22 -5.10
N VAL A 262 -18.28 -12.39 -4.74
CA VAL A 262 -17.79 -13.38 -5.69
C VAL A 262 -18.76 -14.54 -5.71
N GLU A 263 -19.07 -15.02 -6.93
CA GLU A 263 -20.08 -16.06 -7.10
C GLU A 263 -19.49 -17.47 -7.14
N LYS A 264 -18.39 -17.67 -7.86
CA LYS A 264 -17.74 -18.96 -7.96
C LYS A 264 -16.35 -18.88 -7.34
N ILE A 265 -15.94 -19.97 -6.69
CA ILE A 265 -14.65 -19.98 -5.99
C ILE A 265 -13.49 -19.85 -6.96
N ASP A 266 -13.68 -20.22 -8.23
CA ASP A 266 -12.60 -20.05 -9.21
C ASP A 266 -12.37 -18.60 -9.58
N ASP A 267 -13.33 -17.71 -9.29
CA ASP A 267 -13.20 -16.31 -9.65
C ASP A 267 -12.39 -15.51 -8.64
N PHE A 268 -12.07 -16.08 -7.48
CA PHE A 268 -11.31 -15.36 -6.47
C PHE A 268 -9.91 -15.03 -6.98
N LYS A 269 -9.53 -13.77 -6.85
CA LYS A 269 -8.18 -13.31 -7.16
C LYS A 269 -7.55 -12.75 -5.90
N ALA A 270 -6.21 -12.65 -5.90
CA ALA A 270 -5.49 -12.22 -4.71
C ALA A 270 -5.84 -10.79 -4.29
N GLU A 271 -6.37 -9.99 -5.21
CA GLU A 271 -6.72 -8.61 -4.89
C GLU A 271 -8.02 -8.50 -4.09
N ASP A 272 -8.84 -9.55 -4.08
CA ASP A 272 -10.15 -9.51 -3.44
C ASP A 272 -10.07 -9.61 -1.92
N PHE A 273 -8.89 -9.82 -1.35
CA PHE A 273 -8.75 -10.06 0.07
C PHE A 273 -7.88 -8.97 0.69
N GLN A 274 -8.16 -8.66 1.95
CA GLN A 274 -7.46 -7.58 2.64
C GLN A 274 -7.39 -7.93 4.12
N ILE A 275 -6.18 -8.02 4.64
CA ILE A 275 -5.96 -8.27 6.06
C ILE A 275 -5.90 -6.92 6.78
N GLU A 276 -6.77 -6.73 7.76
CA GLU A 276 -6.87 -5.49 8.50
C GLU A 276 -6.48 -5.71 9.95
N GLY A 277 -5.72 -4.76 10.50
CA GLY A 277 -5.35 -4.82 11.90
C GLY A 277 -4.30 -5.86 12.24
N TYR A 278 -3.42 -6.17 11.29
CA TYR A 278 -2.37 -7.16 11.50
C TYR A 278 -1.11 -6.45 11.98
N ASN A 279 -0.81 -6.60 13.26
CA ASN A 279 0.37 -6.00 13.89
C ASN A 279 1.18 -7.12 14.52
N PRO A 280 1.98 -7.84 13.72
CA PRO A 280 2.73 -8.98 14.24
C PRO A 280 4.09 -8.59 14.84
N HIS A 281 4.62 -9.52 15.62
CA HIS A 281 5.98 -9.44 16.14
C HIS A 281 6.97 -9.62 14.99
N PRO A 282 8.27 -9.35 15.22
CA PRO A 282 9.24 -9.47 14.13
C PRO A 282 9.27 -10.85 13.51
N THR A 283 9.73 -10.89 12.26
CA THR A 283 9.79 -12.14 11.50
C THR A 283 10.86 -13.04 12.09
N ILE A 284 10.58 -14.35 12.14
CA ILE A 284 11.51 -15.34 12.66
C ILE A 284 11.87 -16.29 11.52
N LYS A 285 13.13 -16.27 11.09
CA LYS A 285 13.58 -17.14 10.00
C LYS A 285 13.78 -18.58 10.49
N MET A 286 13.21 -19.53 9.76
CA MET A 286 13.36 -20.95 10.06
C MET A 286 13.57 -21.74 8.77
N GLU A 287 14.64 -22.54 8.74
CA GLU A 287 14.96 -23.30 7.53
C GLU A 287 14.00 -24.47 7.35
N MET A 288 13.73 -24.80 6.09
CA MET A 288 12.87 -25.94 5.78
C MET A 288 13.69 -27.21 5.71
N ALA A 289 13.16 -28.28 6.30
CA ALA A 289 13.75 -29.60 6.18
C ALA A 289 13.24 -30.24 4.89
N VAL A 290 14.15 -30.53 3.97
CA VAL A 290 13.76 -31.09 2.68
C VAL A 290 13.99 -32.60 2.66
N SER B 6 21.25 26.93 30.23
CA SER B 6 20.38 26.42 29.18
C SER B 6 20.40 24.90 29.16
N GLU B 7 21.58 24.33 29.41
CA GLU B 7 21.71 22.87 29.50
C GLU B 7 20.90 22.30 30.65
N LEU B 8 20.61 23.11 31.68
CA LEU B 8 19.86 22.64 32.83
C LEU B 8 18.47 22.14 32.47
N GLN B 9 17.93 22.57 31.33
CA GLN B 9 16.63 22.05 30.91
C GLN B 9 16.71 20.57 30.55
N TYR B 10 17.74 20.17 29.81
CA TYR B 10 17.92 18.75 29.51
C TYR B 10 18.17 17.95 30.78
N LEU B 11 19.04 18.46 31.66
CA LEU B 11 19.31 17.77 32.92
C LEU B 11 18.06 17.72 33.79
N GLY B 12 17.22 18.76 33.73
CA GLY B 12 15.97 18.74 34.45
C GLY B 12 15.00 17.71 33.89
N GLN B 13 15.00 17.53 32.57
CA GLN B 13 14.15 16.50 31.98
C GLN B 13 14.63 15.10 32.35
N ILE B 14 15.96 14.90 32.39
CA ILE B 14 16.50 13.62 32.81
C ILE B 14 16.09 13.31 34.25
N GLN B 15 16.27 14.29 35.14
CA GLN B 15 15.90 14.08 36.54
C GLN B 15 14.40 13.87 36.70
N HIS B 16 13.61 14.51 35.85
CA HIS B 16 12.15 14.38 35.95
C HIS B 16 11.68 13.00 35.50
N ILE B 17 12.34 12.43 34.49
CA ILE B 17 11.94 11.12 34.01
C ILE B 17 12.32 10.03 35.01
N LEU B 18 13.50 10.15 35.62
CA LEU B 18 13.91 9.16 36.61
C LEU B 18 13.04 9.22 37.86
N ARG B 19 12.51 10.39 38.19
CA ARG B 19 11.74 10.56 39.42
C ARG B 19 10.25 10.36 39.24
N CYS B 20 9.69 10.77 38.10
CA CYS B 20 8.25 10.70 37.89
C CYS B 20 7.83 9.93 36.65
N GLY B 21 8.79 9.37 35.90
CA GLY B 21 8.44 8.54 34.77
C GLY B 21 7.82 7.21 35.19
N VAL B 22 7.12 6.59 34.27
CA VAL B 22 6.45 5.31 34.52
C VAL B 22 7.12 4.23 33.67
N ARG B 23 7.11 3.01 34.18
CA ARG B 23 7.65 1.88 33.44
C ARG B 23 6.82 1.63 32.19
N LYS B 24 7.50 1.42 31.06
CA LYS B 24 6.83 1.23 29.79
C LYS B 24 7.71 0.37 28.89
N ASP B 25 7.13 -0.70 28.34
CA ASP B 25 7.83 -1.52 27.37
C ASP B 25 7.88 -0.80 26.02
N ASP B 26 8.66 -1.36 25.10
CA ASP B 26 8.88 -0.70 23.82
C ASP B 26 9.26 -1.75 22.78
N ARG B 27 9.48 -1.26 21.55
CA ARG B 27 9.81 -2.14 20.42
C ARG B 27 11.05 -2.98 20.68
N THR B 28 12.03 -2.45 21.39
CA THR B 28 13.25 -3.20 21.69
C THR B 28 13.00 -4.15 22.86
N GLY B 29 14.07 -4.72 23.39
CA GLY B 29 13.96 -5.62 24.53
C GLY B 29 14.05 -4.91 25.86
N THR B 30 14.98 -3.97 25.97
CA THR B 30 15.15 -3.20 27.19
C THR B 30 13.91 -2.34 27.46
N GLY B 31 13.53 -2.23 28.73
CA GLY B 31 12.43 -1.39 29.11
C GLY B 31 12.81 0.08 29.12
N THR B 32 11.82 0.92 29.45
CA THR B 32 12.03 2.36 29.51
C THR B 32 11.29 2.94 30.71
N LEU B 33 11.76 4.11 31.13
CA LEU B 33 10.98 5.02 31.98
C LEU B 33 10.49 6.15 31.09
N SER B 34 9.17 6.26 30.94
CA SER B 34 8.59 7.11 29.90
C SER B 34 7.80 8.26 30.51
N VAL B 35 7.86 9.40 29.81
CA VAL B 35 7.04 10.58 30.10
C VAL B 35 6.57 11.15 28.77
N PHE B 36 5.28 11.43 28.66
CA PHE B 36 4.70 11.92 27.41
C PHE B 36 4.41 13.41 27.54
N GLY B 37 5.03 14.21 26.67
CA GLY B 37 4.82 15.65 26.64
C GLY B 37 5.87 16.45 27.38
N MET B 38 6.83 17.01 26.65
CA MET B 38 7.88 17.84 27.22
C MET B 38 8.26 18.93 26.24
N GLN B 39 8.89 19.99 26.76
CA GLN B 39 9.36 21.09 25.93
C GLN B 39 10.53 21.77 26.61
N ALA B 40 11.54 22.14 25.82
CA ALA B 40 12.71 22.86 26.30
C ALA B 40 13.11 23.90 25.27
N ARG B 41 13.67 25.01 25.76
CA ARG B 41 14.10 26.11 24.89
C ARG B 41 15.59 26.36 25.10
N TYR B 42 16.37 26.15 24.06
CA TYR B 42 17.82 26.32 24.10
C TYR B 42 18.18 27.53 23.24
N SER B 43 18.83 28.52 23.85
CA SER B 43 19.21 29.72 23.14
C SER B 43 20.38 29.43 22.20
N LEU B 44 20.27 29.89 20.96
CA LEU B 44 21.33 29.76 19.96
C LEU B 44 22.12 31.04 19.80
N ARG B 45 21.87 32.04 20.65
CA ARG B 45 22.49 33.36 20.52
C ARG B 45 23.86 33.33 21.16
N ASP B 46 24.91 33.46 20.34
CA ASP B 46 26.30 33.52 20.77
C ASP B 46 26.72 32.26 21.54
N GLU B 47 26.04 31.15 21.30
CA GLU B 47 26.44 29.87 21.88
C GLU B 47 25.74 28.76 21.10
N PHE B 48 26.25 27.54 21.27
CA PHE B 48 25.74 26.38 20.56
C PHE B 48 25.41 25.29 21.58
N PRO B 49 24.17 24.75 21.60
CA PRO B 49 23.77 23.79 22.65
C PRO B 49 24.36 22.40 22.42
N LEU B 50 25.67 22.32 22.59
CA LEU B 50 26.37 21.05 22.61
C LEU B 50 26.64 20.70 24.06
N LEU B 51 26.08 19.57 24.51
CA LEU B 51 26.09 19.25 25.93
C LEU B 51 27.52 19.19 26.47
N THR B 52 27.70 19.72 27.68
CA THR B 52 28.99 19.72 28.34
C THR B 52 29.09 18.69 29.46
N THR B 53 27.96 18.22 29.99
CA THR B 53 27.98 17.18 31.02
C THR B 53 28.41 15.82 30.47
N LYS B 54 28.56 15.71 29.15
CA LYS B 54 29.16 14.54 28.52
C LYS B 54 29.62 14.95 27.13
N ARG B 55 30.76 14.38 26.69
CA ARG B 55 31.27 14.71 25.37
C ARG B 55 30.35 14.14 24.29
N VAL B 56 29.74 15.02 23.53
CA VAL B 56 28.82 14.63 22.46
C VAL B 56 29.62 14.43 21.17
N PHE B 57 29.31 13.36 20.46
CA PHE B 57 29.97 13.04 19.21
C PHE B 57 29.67 14.10 18.14
N TRP B 58 30.47 15.18 18.14
CA TRP B 58 30.19 16.30 17.23
C TRP B 58 30.40 15.91 15.77
N LYS B 59 31.42 15.09 15.50
CA LYS B 59 31.63 14.63 14.12
C LYS B 59 30.45 13.82 13.63
N GLY B 60 29.83 13.04 14.52
CA GLY B 60 28.64 12.30 14.15
C GLY B 60 27.46 13.21 13.87
N VAL B 61 27.31 14.28 14.66
CA VAL B 61 26.22 15.23 14.44
C VAL B 61 26.41 15.95 13.11
N LEU B 62 27.65 16.36 12.81
CA LEU B 62 27.91 17.11 11.60
C LEU B 62 27.77 16.23 10.36
N GLU B 63 28.39 15.05 10.37
CA GLU B 63 28.33 14.18 9.21
C GLU B 63 26.92 13.68 8.94
N GLU B 64 26.13 13.45 9.99
CA GLU B 64 24.76 12.98 9.79
C GLU B 64 23.88 14.05 9.16
N LEU B 65 24.08 15.33 9.53
CA LEU B 65 23.24 16.37 8.97
C LEU B 65 23.57 16.61 7.50
N LEU B 66 24.86 16.66 7.15
CA LEU B 66 25.24 16.72 5.74
C LEU B 66 24.72 15.50 4.99
N TRP B 67 24.70 14.35 5.65
CA TRP B 67 24.12 13.13 5.09
C TRP B 67 22.61 13.30 4.87
N PHE B 68 21.94 14.03 5.75
CA PHE B 68 20.52 14.32 5.55
C PHE B 68 20.33 15.27 4.37
N ILE B 69 21.15 16.32 4.29
CA ILE B 69 20.98 17.33 3.24
C ILE B 69 21.20 16.70 1.86
N LYS B 70 22.13 15.76 1.76
CA LYS B 70 22.36 15.07 0.50
C LYS B 70 21.19 14.18 0.09
N GLY B 71 20.20 13.99 0.96
CA GLY B 71 19.08 13.14 0.65
C GLY B 71 19.36 11.65 0.71
N SER B 72 20.49 11.26 1.30
CA SER B 72 20.87 9.85 1.32
C SER B 72 20.11 9.10 2.40
N THR B 73 19.72 7.87 2.08
CA THR B 73 19.11 6.95 3.05
C THR B 73 19.97 5.72 3.29
N ASN B 74 21.26 5.79 2.95
CA ASN B 74 22.16 4.66 3.05
C ASN B 74 23.00 4.81 4.33
N ALA B 75 22.79 3.90 5.29
CA ALA B 75 23.60 3.94 6.49
C ALA B 75 25.05 3.58 6.21
N LYS B 76 25.31 2.81 5.16
CA LYS B 76 26.68 2.48 4.80
C LYS B 76 27.45 3.70 4.31
N GLU B 77 26.76 4.61 3.62
CA GLU B 77 27.45 5.81 3.14
C GLU B 77 27.86 6.70 4.30
N LEU B 78 27.05 6.76 5.35
CA LEU B 78 27.43 7.50 6.55
C LEU B 78 28.49 6.75 7.34
N SER B 79 28.41 5.42 7.35
CA SER B 79 29.38 4.61 8.08
C SER B 79 30.78 4.72 7.48
N SER B 80 30.87 4.95 6.16
CA SER B 80 32.19 5.13 5.55
C SER B 80 32.83 6.45 5.97
N LYS B 81 32.04 7.38 6.50
CA LYS B 81 32.55 8.64 7.02
C LYS B 81 32.94 8.55 8.50
N GLY B 82 32.93 7.35 9.07
CA GLY B 82 33.27 7.15 10.47
C GLY B 82 32.13 7.31 11.44
N VAL B 83 30.89 7.37 10.97
CA VAL B 83 29.72 7.55 11.83
C VAL B 83 28.85 6.30 11.65
N LYS B 84 28.86 5.42 12.65
CA LYS B 84 28.17 4.14 12.57
C LYS B 84 26.84 4.14 13.31
N ILE B 85 26.26 5.32 13.55
CA ILE B 85 25.08 5.40 14.40
C ILE B 85 23.86 4.75 13.76
N TRP B 86 23.81 4.67 12.43
CA TRP B 86 22.67 4.08 11.73
C TRP B 86 22.96 2.67 11.21
N ASP B 87 24.11 2.10 11.53
CA ASP B 87 24.45 0.78 11.02
C ASP B 87 23.56 -0.31 11.62
N ALA B 88 23.18 -0.18 12.88
CA ALA B 88 22.36 -1.21 13.53
C ALA B 88 21.00 -1.32 12.86
N ASN B 89 20.32 -0.19 12.66
CA ASN B 89 19.00 -0.20 12.04
C ASN B 89 19.05 -0.53 10.56
N GLY B 90 20.23 -0.63 9.96
CA GLY B 90 20.37 -1.06 8.58
C GLY B 90 21.00 -2.42 8.39
N SER B 91 21.24 -3.17 9.47
CA SER B 91 21.93 -4.45 9.38
C SER B 91 21.04 -5.50 8.72
N ARG B 92 21.66 -6.61 8.34
CA ARG B 92 20.91 -7.67 7.66
C ARG B 92 19.89 -8.30 8.58
N ASP B 93 20.26 -8.50 9.86
CA ASP B 93 19.33 -9.11 10.79
C ASP B 93 18.16 -8.18 11.12
N PHE B 94 18.42 -6.88 11.24
CA PHE B 94 17.35 -5.95 11.55
C PHE B 94 16.35 -5.84 10.41
N LEU B 95 16.84 -5.73 9.18
CA LEU B 95 15.93 -5.65 8.04
C LEU B 95 15.11 -6.93 7.88
N ASP B 96 15.72 -8.08 8.17
CA ASP B 96 14.98 -9.34 8.07
C ASP B 96 13.88 -9.42 9.12
N SER B 97 14.12 -8.87 10.31
CA SER B 97 13.10 -8.89 11.35
C SER B 97 11.90 -8.02 11.01
N LEU B 98 12.04 -7.12 10.05
CA LEU B 98 10.93 -6.29 9.58
C LEU B 98 10.25 -6.87 8.35
N GLY B 99 10.72 -8.01 7.85
CA GLY B 99 10.21 -8.60 6.64
C GLY B 99 10.90 -8.15 5.38
N PHE B 100 11.96 -7.33 5.51
CA PHE B 100 12.70 -6.82 4.36
C PHE B 100 13.83 -7.78 3.98
N SER B 101 13.44 -9.02 3.68
CA SER B 101 14.42 -10.06 3.39
C SER B 101 15.17 -9.80 2.10
N THR B 102 14.62 -8.99 1.21
CA THR B 102 15.22 -8.67 -0.08
C THR B 102 15.90 -7.31 -0.09
N ARG B 103 16.04 -6.67 1.07
CA ARG B 103 16.66 -5.35 1.15
C ARG B 103 18.16 -5.50 1.31
N GLU B 104 18.91 -4.76 0.49
CA GLU B 104 20.35 -4.75 0.64
C GLU B 104 20.73 -4.02 1.93
N GLU B 105 21.82 -4.46 2.55
CA GLU B 105 22.19 -3.98 3.87
C GLU B 105 22.52 -2.50 3.82
N GLY B 106 22.02 -1.75 4.80
CA GLY B 106 22.20 -0.31 4.86
C GLY B 106 21.06 0.50 4.30
N ASP B 107 20.12 -0.13 3.60
CA ASP B 107 18.98 0.59 3.02
C ASP B 107 17.96 0.83 4.12
N LEU B 108 17.97 2.05 4.66
CA LEU B 108 17.05 2.42 5.72
C LEU B 108 15.65 2.71 5.22
N GLY B 109 15.44 2.77 3.91
CA GLY B 109 14.16 3.09 3.35
C GLY B 109 13.95 4.58 3.21
N PRO B 110 12.74 5.00 2.84
CA PRO B 110 12.47 6.43 2.69
C PRO B 110 12.43 7.15 4.02
N VAL B 111 13.59 7.63 4.48
CA VAL B 111 13.69 8.24 5.80
C VAL B 111 14.05 9.71 5.66
N TYR B 112 14.72 10.27 6.67
CA TYR B 112 14.92 11.70 6.77
C TYR B 112 15.42 12.32 5.46
N GLY B 113 16.49 11.75 4.89
CA GLY B 113 17.09 12.35 3.71
C GLY B 113 16.16 12.33 2.51
N PHE B 114 15.37 11.26 2.36
CA PHE B 114 14.48 11.16 1.22
C PHE B 114 13.28 12.10 1.35
N GLN B 115 12.74 12.23 2.56
CA GLN B 115 11.56 13.08 2.75
C GLN B 115 11.92 14.56 2.75
N TRP B 116 13.13 14.92 3.19
CA TRP B 116 13.53 16.33 3.20
C TRP B 116 13.68 16.88 1.79
N ARG B 117 14.20 16.07 0.86
CA ARG B 117 14.54 16.53 -0.47
C ARG B 117 13.62 16.01 -1.56
N HIS B 118 12.88 14.93 -1.32
CA HIS B 118 12.09 14.29 -2.36
C HIS B 118 10.77 13.78 -1.77
N PHE B 119 10.07 14.64 -1.03
CA PHE B 119 8.80 14.23 -0.44
C PHE B 119 7.76 14.01 -1.53
N GLY B 120 7.15 12.83 -1.53
CA GLY B 120 6.13 12.48 -2.49
C GLY B 120 6.61 11.58 -3.61
N ALA B 121 7.91 11.54 -3.86
CA ALA B 121 8.45 10.67 -4.91
C ALA B 121 8.32 9.21 -4.51
N GLU B 122 8.21 8.34 -5.51
CA GLU B 122 8.10 6.91 -5.28
C GLU B 122 9.48 6.34 -4.99
N TYR B 123 9.63 5.73 -3.81
CA TYR B 123 10.93 5.23 -3.39
C TYR B 123 11.23 3.91 -4.10
N ARG B 124 12.43 3.82 -4.68
CA ARG B 124 12.88 2.60 -5.32
C ARG B 124 13.88 1.89 -4.42
N ASP B 125 15.10 2.42 -4.35
CA ASP B 125 16.11 1.92 -3.43
C ASP B 125 16.97 3.09 -2.99
N MET B 126 17.92 2.81 -2.10
CA MET B 126 18.75 3.88 -1.54
C MET B 126 19.74 4.44 -2.55
N GLU B 127 19.99 3.72 -3.64
CA GLU B 127 20.98 4.12 -4.63
C GLU B 127 20.38 4.74 -5.88
N SER B 128 19.06 4.82 -5.98
CA SER B 128 18.44 5.42 -7.15
C SER B 128 18.61 6.93 -7.13
N ASP B 129 18.55 7.53 -8.33
CA ASP B 129 18.62 8.98 -8.49
C ASP B 129 17.22 9.56 -8.42
N TYR B 130 16.99 10.45 -7.47
CA TYR B 130 15.68 11.07 -7.29
C TYR B 130 15.70 12.57 -7.57
N SER B 131 16.78 13.09 -8.15
CA SER B 131 16.88 14.52 -8.43
C SER B 131 15.76 14.95 -9.36
N GLY B 132 15.06 16.02 -8.96
CA GLY B 132 13.91 16.49 -9.69
C GLY B 132 12.60 15.84 -9.32
N GLN B 133 12.62 14.81 -8.49
CA GLN B 133 11.42 14.09 -8.07
C GLN B 133 11.07 14.48 -6.65
N GLY B 134 9.77 14.63 -6.39
CA GLY B 134 9.30 14.94 -5.05
C GLY B 134 9.42 16.40 -4.69
N VAL B 135 9.03 16.72 -3.47
CA VAL B 135 9.05 18.09 -2.96
C VAL B 135 10.37 18.31 -2.22
N ASP B 136 11.07 19.37 -2.59
CA ASP B 136 12.32 19.77 -1.92
C ASP B 136 11.93 20.69 -0.77
N GLN B 137 11.62 20.10 0.38
CA GLN B 137 11.19 20.89 1.53
C GLN B 137 12.32 21.80 2.03
N LEU B 138 13.55 21.28 2.04
CA LEU B 138 14.66 22.05 2.58
C LEU B 138 14.91 23.33 1.79
N GLN B 139 14.91 23.24 0.46
CA GLN B 139 15.17 24.42 -0.36
C GLN B 139 13.98 25.37 -0.33
N ARG B 140 12.76 24.83 -0.31
CA ARG B 140 11.58 25.68 -0.23
C ARG B 140 11.51 26.41 1.11
N VAL B 141 12.06 25.80 2.17
CA VAL B 141 12.14 26.50 3.46
C VAL B 141 13.06 27.71 3.34
N ILE B 142 14.25 27.51 2.75
CA ILE B 142 15.21 28.60 2.63
C ILE B 142 14.66 29.70 1.74
N ASP B 143 13.98 29.34 0.66
CA ASP B 143 13.43 30.35 -0.25
C ASP B 143 12.30 31.13 0.41
N THR B 144 11.47 30.45 1.21
CA THR B 144 10.38 31.15 1.90
C THR B 144 10.93 32.12 2.94
N ILE B 145 12.02 31.74 3.63
CA ILE B 145 12.62 32.64 4.61
C ILE B 145 13.16 33.89 3.94
N LYS B 146 13.78 33.73 2.76
CA LYS B 146 14.34 34.88 2.06
C LYS B 146 13.24 35.82 1.55
N THR B 147 12.13 35.26 1.07
CA THR B 147 11.11 36.06 0.40
C THR B 147 9.94 36.45 1.29
N ASN B 148 9.69 35.71 2.37
CA ASN B 148 8.56 35.99 3.25
C ASN B 148 8.87 35.47 4.64
N PRO B 149 9.60 36.25 5.44
CA PRO B 149 9.94 35.80 6.80
C PRO B 149 8.74 35.68 7.73
N ASP B 150 7.66 36.41 7.47
CA ASP B 150 6.48 36.39 8.34
C ASP B 150 5.63 35.14 8.14
N ASP B 151 5.97 34.29 7.17
CA ASP B 151 5.15 33.11 6.88
C ASP B 151 5.13 32.16 8.07
N ARG B 152 3.93 31.69 8.41
CA ARG B 152 3.72 30.78 9.53
C ARG B 152 3.59 29.33 9.06
N ARG B 153 4.05 29.04 7.84
CA ARG B 153 3.96 27.70 7.26
C ARG B 153 5.32 27.17 6.83
N ILE B 154 6.40 27.69 7.42
CA ILE B 154 7.76 27.27 7.09
C ILE B 154 8.05 25.98 7.83
N ILE B 155 7.66 24.85 7.24
CA ILE B 155 7.72 23.55 7.89
C ILE B 155 8.44 22.57 6.98
N MET B 156 9.31 21.75 7.57
CA MET B 156 9.94 20.63 6.88
C MET B 156 9.53 19.36 7.63
N CYS B 157 8.73 18.52 6.98
CA CYS B 157 8.13 17.36 7.62
C CYS B 157 8.72 16.08 7.06
N ALA B 158 9.22 15.21 7.95
CA ALA B 158 9.78 13.93 7.56
C ALA B 158 8.82 12.76 7.76
N TRP B 159 7.67 13.00 8.39
CA TRP B 159 6.69 11.95 8.63
C TRP B 159 5.81 11.80 7.40
N ASN B 160 6.03 10.73 6.63
CA ASN B 160 5.27 10.46 5.42
C ASN B 160 4.44 9.19 5.64
N PRO B 161 3.15 9.32 5.97
CA PRO B 161 2.35 8.10 6.25
C PRO B 161 2.32 7.10 5.11
N ARG B 162 2.48 7.55 3.87
CA ARG B 162 2.47 6.61 2.75
C ARG B 162 3.74 5.77 2.71
N ASP B 163 4.87 6.35 3.06
CA ASP B 163 6.16 5.65 3.00
C ASP B 163 6.50 4.92 4.28
N LEU B 164 5.63 4.97 5.28
CA LEU B 164 5.93 4.33 6.57
C LEU B 164 6.25 2.84 6.48
N PRO B 165 5.50 2.01 5.74
CA PRO B 165 5.82 0.58 5.72
C PRO B 165 7.19 0.26 5.14
N LEU B 166 7.80 1.18 4.40
CA LEU B 166 9.09 0.96 3.78
C LEU B 166 10.27 1.42 4.63
N MET B 167 10.02 2.05 5.77
CA MET B 167 11.09 2.61 6.59
C MET B 167 11.62 1.58 7.59
N ALA B 168 12.94 1.50 7.68
CA ALA B 168 13.54 0.65 8.71
C ALA B 168 13.26 1.18 10.11
N LEU B 169 13.19 2.50 10.24
CA LEU B 169 12.86 3.16 11.50
C LEU B 169 12.16 4.48 11.17
N PRO B 170 10.88 4.63 11.53
CA PRO B 170 10.19 5.87 11.22
C PRO B 170 10.87 7.05 11.88
N PRO B 171 10.75 8.24 11.31
CA PRO B 171 11.51 9.40 11.82
C PRO B 171 11.12 9.72 13.26
N CYS B 172 12.13 9.86 14.11
CA CYS B 172 11.89 10.22 15.50
C CYS B 172 11.73 11.72 15.65
N HIS B 173 12.61 12.50 15.02
CA HIS B 173 12.38 13.93 14.85
C HIS B 173 11.58 14.07 13.56
N ALA B 174 10.26 14.15 13.70
CA ALA B 174 9.36 13.98 12.57
C ALA B 174 8.97 15.29 11.89
N LEU B 175 8.99 16.40 12.62
CA LEU B 175 8.52 17.66 12.07
C LEU B 175 9.27 18.81 12.74
N CYS B 176 9.69 19.78 11.94
CA CYS B 176 10.34 20.98 12.44
C CYS B 176 9.78 22.20 11.72
N GLN B 177 9.70 23.31 12.44
CA GLN B 177 9.16 24.55 11.93
C GLN B 177 10.15 25.68 12.21
N PHE B 178 10.25 26.61 11.27
CA PHE B 178 11.12 27.77 11.43
C PHE B 178 10.30 29.04 11.58
N TYR B 179 10.92 30.05 12.18
CA TYR B 179 10.23 31.26 12.62
C TYR B 179 11.22 32.40 12.60
N VAL B 180 10.83 33.53 12.01
CA VAL B 180 11.70 34.68 11.84
C VAL B 180 11.03 35.91 12.44
N VAL B 181 11.74 36.62 13.31
CA VAL B 181 11.29 37.90 13.81
C VAL B 181 12.52 38.65 14.31
N ASN B 182 12.53 39.97 14.08
CA ASN B 182 13.65 40.84 14.45
C ASN B 182 14.97 40.30 13.94
N SER B 183 14.96 39.79 12.70
CA SER B 183 16.14 39.23 12.04
C SER B 183 16.72 38.03 12.78
N GLU B 184 15.92 37.37 13.62
CA GLU B 184 16.35 36.18 14.35
C GLU B 184 15.64 34.96 13.76
N LEU B 185 16.41 33.90 13.53
CA LEU B 185 15.87 32.65 13.01
C LEU B 185 15.78 31.64 14.14
N SER B 186 14.57 31.16 14.42
CA SER B 186 14.32 30.17 15.45
C SER B 186 13.76 28.90 14.83
N CYS B 187 13.91 27.79 15.57
CA CYS B 187 13.48 26.48 15.08
C CYS B 187 12.83 25.71 16.22
N GLN B 188 11.69 25.09 15.93
CA GLN B 188 11.03 24.18 16.86
C GLN B 188 10.91 22.81 16.23
N LEU B 189 11.23 21.78 17.01
CA LEU B 189 11.21 20.40 16.56
C LEU B 189 10.21 19.61 17.39
N TYR B 190 9.36 18.84 16.71
CA TYR B 190 8.52 17.85 17.38
C TYR B 190 9.16 16.49 17.20
N GLN B 191 9.66 15.92 18.30
CA GLN B 191 10.28 14.60 18.29
C GLN B 191 9.31 13.61 18.91
N ARG B 192 8.74 12.74 18.08
CA ARG B 192 7.74 11.80 18.56
C ARG B 192 8.29 10.84 19.60
N SER B 193 9.59 10.56 19.55
CA SER B 193 10.18 9.55 20.42
C SER B 193 11.59 10.00 20.77
N GLY B 194 11.90 10.06 22.07
CA GLY B 194 13.18 10.57 22.48
C GLY B 194 13.99 9.64 23.35
N ASP B 195 15.05 9.07 22.78
CA ASP B 195 16.07 8.38 23.57
C ASP B 195 16.88 9.46 24.29
N MET B 196 16.52 9.73 25.55
CA MET B 196 17.09 10.88 26.25
C MET B 196 18.58 10.74 26.46
N GLY B 197 19.08 9.50 26.59
CA GLY B 197 20.49 9.29 26.87
C GLY B 197 21.38 9.27 25.64
N LEU B 198 20.84 8.79 24.52
CA LEU B 198 21.63 8.57 23.32
C LEU B 198 21.21 9.50 22.20
N GLY B 199 19.99 9.34 21.67
CA GLY B 199 19.60 10.07 20.47
C GLY B 199 19.35 11.55 20.73
N VAL B 200 18.71 11.86 21.87
CA VAL B 200 18.30 13.25 22.11
C VAL B 200 19.48 14.22 22.13
N PRO B 201 20.62 13.91 22.77
CA PRO B 201 21.74 14.86 22.68
C PRO B 201 22.19 15.09 21.25
N PHE B 202 22.14 14.07 20.41
CA PHE B 202 22.40 14.26 18.98
C PHE B 202 21.38 15.19 18.37
N ASN B 203 20.09 14.94 18.64
CA ASN B 203 19.02 15.68 18.00
C ASN B 203 19.07 17.17 18.35
N ILE B 204 19.40 17.48 19.61
CA ILE B 204 19.47 18.87 20.02
C ILE B 204 20.57 19.61 19.26
N ALA B 205 21.74 18.98 19.15
CA ALA B 205 22.84 19.59 18.40
C ALA B 205 22.60 19.57 16.90
N SER B 206 21.86 18.57 16.40
CA SER B 206 21.64 18.46 14.96
C SER B 206 20.81 19.61 14.42
N TYR B 207 19.65 19.86 15.01
CA TYR B 207 18.78 20.93 14.53
C TYR B 207 19.30 22.30 14.90
N ALA B 208 20.15 22.41 15.92
CA ALA B 208 20.83 23.69 16.17
C ALA B 208 21.81 24.00 15.05
N LEU B 209 22.55 23.00 14.58
CA LEU B 209 23.46 23.22 13.46
C LEU B 209 22.70 23.59 12.19
N LEU B 210 21.55 22.94 11.97
CA LEU B 210 20.75 23.27 10.78
C LEU B 210 20.24 24.71 10.83
N THR B 211 19.86 25.18 12.02
CA THR B 211 19.42 26.56 12.14
C THR B 211 20.57 27.52 11.85
N TYR B 212 21.79 27.18 12.30
CA TYR B 212 22.95 28.00 11.96
C TYR B 212 23.22 27.97 10.47
N MET B 213 23.02 26.81 9.83
CA MET B 213 23.24 26.71 8.39
C MET B 213 22.25 27.59 7.62
N ILE B 214 20.96 27.48 7.95
CA ILE B 214 19.95 28.25 7.24
C ILE B 214 20.08 29.73 7.53
N ALA B 215 20.39 30.08 8.78
CA ALA B 215 20.58 31.49 9.12
C ALA B 215 21.77 32.08 8.38
N HIS B 216 22.81 31.28 8.14
CA HIS B 216 23.97 31.76 7.39
C HIS B 216 23.61 32.06 5.95
N ILE B 217 22.76 31.22 5.34
CA ILE B 217 22.38 31.43 3.95
C ILE B 217 21.44 32.63 3.81
N THR B 218 20.44 32.70 4.70
CA THR B 218 19.46 33.78 4.63
C THR B 218 19.92 35.06 5.29
N GLY B 219 21.14 35.09 5.83
CA GLY B 219 21.66 36.30 6.45
C GLY B 219 20.99 36.67 7.75
N LEU B 220 20.49 35.68 8.49
CA LEU B 220 19.82 35.90 9.77
C LEU B 220 20.71 35.44 10.92
N LYS B 221 20.35 35.86 12.12
CA LYS B 221 21.05 35.45 13.32
C LYS B 221 20.29 34.33 14.00
N PRO B 222 20.96 33.27 14.44
CA PRO B 222 20.25 32.18 15.13
C PRO B 222 19.61 32.69 16.41
N GLY B 223 18.37 32.25 16.65
CA GLY B 223 17.64 32.68 17.82
C GLY B 223 17.46 31.61 18.87
N ASP B 224 16.31 30.94 18.86
CA ASP B 224 16.00 29.91 19.84
C ASP B 224 15.73 28.58 19.15
N PHE B 225 16.05 27.49 19.85
CA PHE B 225 15.67 26.15 19.43
C PHE B 225 14.74 25.56 20.48
N ILE B 226 13.48 25.33 20.10
CA ILE B 226 12.48 24.76 20.99
C ILE B 226 12.39 23.27 20.71
N HIS B 227 12.76 22.46 21.70
CA HIS B 227 12.74 21.00 21.58
C HIS B 227 11.48 20.47 22.23
N THR B 228 10.54 20.00 21.40
CA THR B 228 9.29 19.44 21.88
C THR B 228 9.35 17.92 21.75
N LEU B 229 9.07 17.23 22.85
CA LEU B 229 9.17 15.78 22.91
C LEU B 229 7.79 15.14 23.05
N GLY B 230 7.61 13.98 22.41
CA GLY B 230 6.44 13.17 22.64
C GLY B 230 6.69 12.16 23.73
N ASP B 231 7.17 10.97 23.37
CA ASP B 231 7.52 9.94 24.35
C ASP B 231 8.98 10.12 24.75
N ALA B 232 9.20 10.92 25.78
CA ALA B 232 10.55 11.10 26.35
C ALA B 232 10.83 9.95 27.29
N HIS B 233 11.77 9.09 26.93
CA HIS B 233 12.01 7.86 27.67
C HIS B 233 13.49 7.66 27.96
N ILE B 234 13.76 7.04 29.11
CA ILE B 234 15.11 6.66 29.52
C ILE B 234 15.14 5.14 29.58
N TYR B 235 16.01 4.54 28.77
CA TYR B 235 16.15 3.09 28.78
C TYR B 235 16.73 2.63 30.12
N LEU B 236 16.38 1.40 30.50
CA LEU B 236 16.80 0.88 31.80
C LEU B 236 18.32 0.82 31.93
N ASN B 237 19.00 0.39 30.88
CA ASN B 237 20.46 0.31 30.87
C ASN B 237 21.13 1.69 30.73
N HIS B 238 20.37 2.78 30.81
CA HIS B 238 20.92 4.12 30.82
C HIS B 238 20.74 4.85 32.14
N ILE B 239 20.07 4.23 33.11
CA ILE B 239 19.74 4.91 34.36
C ILE B 239 21.01 5.23 35.15
N GLU B 240 21.90 4.25 35.29
CA GLU B 240 23.14 4.46 36.03
C GLU B 240 24.10 5.37 35.28
N PRO B 241 24.25 5.24 33.95
CA PRO B 241 25.06 6.24 33.22
C PRO B 241 24.50 7.64 33.31
N LEU B 242 23.17 7.80 33.25
CA LEU B 242 22.59 9.13 33.35
C LEU B 242 22.63 9.66 34.77
N LYS B 243 22.58 8.77 35.78
CA LYS B 243 22.72 9.22 37.15
C LYS B 243 24.11 9.77 37.41
N ILE B 244 25.13 9.27 36.70
CA ILE B 244 26.46 9.83 36.81
C ILE B 244 26.54 11.19 36.12
N GLN B 245 25.96 11.27 34.91
CA GLN B 245 25.96 12.55 34.19
C GLN B 245 25.22 13.63 34.95
N LEU B 246 24.16 13.26 35.68
CA LEU B 246 23.39 14.23 36.43
C LEU B 246 24.16 14.83 37.61
N GLN B 247 25.28 14.22 37.99
CA GLN B 247 26.12 14.71 39.09
C GLN B 247 27.25 15.62 38.62
N ARG B 248 27.41 15.82 37.32
CA ARG B 248 28.50 16.64 36.79
C ARG B 248 28.07 18.09 36.63
N GLU B 249 28.95 19.00 37.01
CA GLU B 249 28.64 20.43 36.95
C GLU B 249 28.65 20.89 35.50
N PRO B 250 27.54 21.45 35.00
CA PRO B 250 27.52 21.88 33.60
C PRO B 250 28.45 23.07 33.37
N ARG B 251 29.06 23.09 32.21
CA ARG B 251 29.99 24.12 31.80
C ARG B 251 29.41 24.96 30.67
N PRO B 252 29.90 26.17 30.46
CA PRO B 252 29.34 27.04 29.41
C PRO B 252 29.35 26.38 28.04
N PHE B 253 28.32 26.69 27.25
CA PHE B 253 28.18 26.12 25.93
C PHE B 253 29.33 26.59 25.03
N PRO B 254 29.74 25.77 24.05
CA PRO B 254 30.75 26.23 23.09
C PRO B 254 30.18 27.19 22.07
N LYS B 255 30.97 27.52 21.04
CA LYS B 255 30.53 28.41 19.98
C LYS B 255 30.74 27.71 18.63
N LEU B 256 29.90 28.07 17.67
CA LEU B 256 29.98 27.52 16.32
C LEU B 256 30.39 28.64 15.36
N ARG B 257 31.51 28.43 14.67
CA ARG B 257 32.02 29.39 13.70
C ARG B 257 31.98 28.78 12.32
N ILE B 258 31.40 29.51 11.36
CA ILE B 258 31.36 29.11 9.96
C ILE B 258 32.49 29.84 9.24
N LEU B 259 33.38 29.08 8.61
CA LEU B 259 34.66 29.60 8.13
C LEU B 259 34.58 30.26 6.76
N ARG B 260 33.50 30.06 6.00
CA ARG B 260 33.41 30.65 4.69
C ARG B 260 31.95 30.96 4.36
N LYS B 261 31.77 31.91 3.44
CA LYS B 261 30.44 32.32 3.00
C LYS B 261 29.91 31.28 2.02
N VAL B 262 28.84 30.59 2.41
CA VAL B 262 28.24 29.54 1.60
C VAL B 262 26.92 30.06 1.07
N GLU B 263 26.67 29.83 -0.22
CA GLU B 263 25.49 30.35 -0.91
C GLU B 263 24.34 29.36 -0.95
N LYS B 264 24.62 28.09 -1.23
CA LYS B 264 23.60 27.05 -1.30
C LYS B 264 23.83 26.02 -0.20
N ILE B 265 22.74 25.48 0.34
CA ILE B 265 22.82 24.54 1.45
C ILE B 265 23.56 23.27 1.06
N ASP B 266 23.56 22.92 -0.22
CA ASP B 266 24.29 21.75 -0.67
C ASP B 266 25.80 21.97 -0.71
N ASP B 267 26.24 23.23 -0.68
CA ASP B 267 27.67 23.54 -0.76
C ASP B 267 28.37 23.42 0.58
N PHE B 268 27.63 23.28 1.68
CA PHE B 268 28.25 23.13 2.98
C PHE B 268 29.08 21.85 3.05
N LYS B 269 30.33 21.99 3.48
CA LYS B 269 31.22 20.86 3.68
C LYS B 269 31.60 20.77 5.15
N ALA B 270 32.10 19.60 5.54
CA ALA B 270 32.43 19.37 6.95
C ALA B 270 33.51 20.31 7.44
N GLU B 271 34.38 20.80 6.54
CA GLU B 271 35.45 21.69 6.94
C GLU B 271 34.97 23.11 7.21
N ASP B 272 33.77 23.47 6.75
CA ASP B 272 33.26 24.83 6.89
C ASP B 272 32.88 25.18 8.32
N PHE B 273 32.92 24.22 9.25
CA PHE B 273 32.45 24.44 10.61
C PHE B 273 33.57 24.21 11.61
N GLN B 274 33.51 24.95 12.72
CA GLN B 274 34.54 24.85 13.76
C GLN B 274 33.89 25.14 15.10
N ILE B 275 33.95 24.16 16.00
CA ILE B 275 33.44 24.31 17.36
C ILE B 275 34.56 24.87 18.22
N GLU B 276 34.31 26.01 18.85
CA GLU B 276 35.31 26.69 19.66
C GLU B 276 34.89 26.72 21.12
N GLY B 277 35.85 26.46 22.01
CA GLY B 277 35.60 26.55 23.44
C GLY B 277 34.77 25.41 23.99
N TYR B 278 34.85 24.23 23.39
CA TYR B 278 34.09 23.07 23.84
C TYR B 278 34.94 22.28 24.82
N ASN B 279 34.61 22.36 26.11
CA ASN B 279 35.30 21.64 27.16
C ASN B 279 34.29 20.78 27.90
N PRO B 280 33.93 19.62 27.35
CA PRO B 280 32.92 18.78 27.99
C PRO B 280 33.55 17.82 28.99
N HIS B 281 32.69 17.23 29.83
CA HIS B 281 33.08 16.16 30.73
C HIS B 281 33.40 14.91 29.90
N PRO B 282 34.03 13.91 30.52
CA PRO B 282 34.40 12.71 29.76
C PRO B 282 33.20 12.04 29.10
N THR B 283 33.50 11.27 28.05
CA THR B 283 32.46 10.57 27.30
C THR B 283 31.85 9.47 28.16
N ILE B 284 30.53 9.30 28.03
CA ILE B 284 29.79 8.29 28.76
C ILE B 284 29.23 7.31 27.74
N LYS B 285 29.73 6.07 27.77
CA LYS B 285 29.27 5.06 26.82
C LYS B 285 27.89 4.56 27.22
N MET B 286 26.98 4.54 26.25
CA MET B 286 25.63 4.06 26.47
C MET B 286 25.23 3.19 25.29
N GLU B 287 24.81 1.96 25.57
CA GLU B 287 24.47 1.04 24.49
C GLU B 287 23.15 1.43 23.85
N MET B 288 23.06 1.19 22.53
CA MET B 288 21.85 1.50 21.78
C MET B 288 20.89 0.34 21.83
N ALA B 289 19.61 0.65 22.03
CA ALA B 289 18.57 -0.38 22.01
C ALA B 289 18.18 -0.64 20.56
N VAL B 290 18.39 -1.87 20.10
CA VAL B 290 18.16 -2.21 18.70
C VAL B 290 16.80 -2.88 18.53
N SER C 6 -12.81 -13.72 -51.64
CA SER C 6 -12.03 -14.89 -52.01
C SER C 6 -10.55 -14.72 -51.62
N GLU C 7 -9.82 -15.84 -51.68
CA GLU C 7 -8.42 -15.83 -51.24
C GLU C 7 -7.53 -15.06 -52.21
N LEU C 8 -7.92 -14.95 -53.49
CA LEU C 8 -7.11 -14.22 -54.46
C LEU C 8 -6.95 -12.75 -54.08
N GLN C 9 -7.84 -12.22 -53.24
CA GLN C 9 -7.69 -10.84 -52.79
C GLN C 9 -6.44 -10.68 -51.94
N TYR C 10 -6.21 -11.61 -51.01
CA TYR C 10 -5.00 -11.56 -50.20
C TYR C 10 -3.75 -11.71 -51.06
N LEU C 11 -3.77 -12.68 -52.00
CA LEU C 11 -2.63 -12.84 -52.90
C LEU C 11 -2.44 -11.61 -53.77
N GLY C 12 -3.53 -10.95 -54.16
CA GLY C 12 -3.42 -9.71 -54.91
C GLY C 12 -2.80 -8.60 -54.08
N GLN C 13 -3.12 -8.57 -52.79
CA GLN C 13 -2.50 -7.59 -51.90
C GLN C 13 -1.02 -7.88 -51.71
N ILE C 14 -0.66 -9.16 -51.61
CA ILE C 14 0.75 -9.54 -51.50
C ILE C 14 1.50 -9.11 -52.75
N GLN C 15 0.95 -9.43 -53.92
CA GLN C 15 1.59 -9.06 -55.18
C GLN C 15 1.69 -7.55 -55.34
N HIS C 16 0.72 -6.80 -54.83
CA HIS C 16 0.75 -5.35 -54.99
C HIS C 16 1.84 -4.73 -54.12
N ILE C 17 2.05 -5.29 -52.93
CA ILE C 17 3.08 -4.75 -52.03
C ILE C 17 4.47 -5.10 -52.56
N LEU C 18 4.64 -6.31 -53.09
CA LEU C 18 5.94 -6.70 -53.63
C LEU C 18 6.27 -5.92 -54.89
N ARG C 19 5.26 -5.52 -55.66
CA ARG C 19 5.50 -4.81 -56.91
C ARG C 19 5.44 -3.29 -56.76
N CYS C 20 4.60 -2.78 -55.88
CA CYS C 20 4.40 -1.34 -55.76
C CYS C 20 4.64 -0.80 -54.36
N GLY C 21 5.03 -1.65 -53.41
CA GLY C 21 5.36 -1.16 -52.09
C GLY C 21 6.67 -0.38 -52.09
N VAL C 22 6.84 0.44 -51.05
CA VAL C 22 8.03 1.26 -50.91
C VAL C 22 8.81 0.79 -49.69
N ARG C 23 10.12 0.95 -49.74
CA ARG C 23 10.97 0.60 -48.61
C ARG C 23 10.69 1.55 -47.45
N LYS C 24 10.54 0.97 -46.25
CA LYS C 24 10.16 1.76 -45.08
C LYS C 24 10.74 1.10 -43.83
N ASP C 25 11.43 1.90 -43.01
CA ASP C 25 11.94 1.42 -41.74
C ASP C 25 10.79 1.25 -40.74
N ASP C 26 11.09 0.63 -39.60
CA ASP C 26 10.04 0.33 -38.63
C ASP C 26 10.62 0.21 -37.24
N ARG C 27 9.72 -0.03 -36.28
CA ARG C 27 10.10 -0.19 -34.87
C ARG C 27 11.08 -1.34 -34.68
N THR C 28 10.93 -2.41 -35.45
CA THR C 28 11.86 -3.53 -35.36
C THR C 28 13.11 -3.17 -36.15
N GLY C 29 13.98 -4.15 -36.37
CA GLY C 29 15.20 -3.87 -37.12
C GLY C 29 15.05 -4.05 -38.61
N THR C 30 14.36 -5.11 -39.02
CA THR C 30 14.15 -5.40 -40.44
C THR C 30 13.29 -4.32 -41.09
N GLY C 31 13.63 -3.96 -42.31
CA GLY C 31 12.83 -3.03 -43.07
C GLY C 31 11.57 -3.69 -43.58
N THR C 32 10.74 -2.89 -44.28
CA THR C 32 9.50 -3.38 -44.82
C THR C 32 9.28 -2.79 -46.21
N LEU C 33 8.43 -3.47 -46.98
CA LEU C 33 7.80 -2.91 -48.16
C LEU C 33 6.38 -2.56 -47.76
N SER C 34 6.07 -1.27 -47.77
CA SER C 34 4.85 -0.77 -47.14
C SER C 34 3.91 -0.15 -48.17
N VAL C 35 2.62 -0.35 -47.95
CA VAL C 35 1.56 0.31 -48.72
C VAL C 35 0.48 0.71 -47.74
N PHE C 36 0.04 1.97 -47.81
CA PHE C 36 -0.91 2.52 -46.86
C PHE C 36 -2.29 2.59 -47.50
N GLY C 37 -3.25 1.90 -46.90
CA GLY C 37 -4.61 1.92 -47.39
C GLY C 37 -4.97 0.76 -48.29
N MET C 38 -5.63 -0.25 -47.72
CA MET C 38 -6.07 -1.41 -48.48
C MET C 38 -7.40 -1.90 -47.93
N GLN C 39 -8.11 -2.67 -48.75
CA GLN C 39 -9.38 -3.25 -48.33
C GLN C 39 -9.65 -4.51 -49.12
N ALA C 40 -10.18 -5.52 -48.43
CA ALA C 40 -10.56 -6.78 -49.04
C ALA C 40 -11.86 -7.25 -48.41
N ARG C 41 -12.66 -7.98 -49.19
CA ARG C 41 -13.96 -8.49 -48.74
C ARG C 41 -13.96 -10.00 -48.87
N TYR C 42 -14.09 -10.70 -47.74
CA TYR C 42 -14.07 -12.15 -47.68
C TYR C 42 -15.45 -12.67 -47.33
N SER C 43 -16.00 -13.54 -48.17
CA SER C 43 -17.32 -14.09 -47.93
C SER C 43 -17.27 -15.13 -46.80
N LEU C 44 -18.19 -15.00 -45.84
CA LEU C 44 -18.34 -15.94 -44.75
C LEU C 44 -19.50 -16.91 -44.99
N ARG C 45 -20.11 -16.85 -46.17
CA ARG C 45 -21.32 -17.64 -46.47
C ARG C 45 -20.91 -19.04 -46.90
N ASP C 46 -21.22 -20.02 -46.05
CA ASP C 46 -20.98 -21.44 -46.35
C ASP C 46 -19.51 -21.73 -46.58
N GLU C 47 -18.62 -20.92 -46.00
CA GLU C 47 -17.19 -21.17 -46.05
C GLU C 47 -16.51 -20.35 -44.97
N PHE C 48 -15.26 -20.71 -44.67
CA PHE C 48 -14.47 -20.04 -43.63
C PHE C 48 -13.14 -19.63 -44.22
N PRO C 49 -12.74 -18.28 -44.13
CA PRO C 49 -11.50 -17.79 -44.80
C PRO C 49 -10.23 -18.20 -44.08
N LEU C 50 -9.90 -19.48 -44.16
CA LEU C 50 -8.62 -20.00 -43.70
C LEU C 50 -7.74 -20.22 -44.93
N LEU C 51 -6.61 -19.50 -44.99
CA LEU C 51 -5.79 -19.49 -46.19
C LEU C 51 -5.36 -20.90 -46.56
N THR C 52 -5.34 -21.17 -47.87
CA THR C 52 -4.93 -22.48 -48.39
C THR C 52 -3.56 -22.48 -49.04
N THR C 53 -3.05 -21.32 -49.46
CA THR C 53 -1.73 -21.26 -50.06
C THR C 53 -0.62 -21.51 -49.05
N LYS C 54 -0.93 -21.58 -47.76
CA LYS C 54 0.00 -22.03 -46.73
C LYS C 54 -0.82 -22.46 -45.51
N ARG C 55 -0.29 -23.44 -44.79
CA ARG C 55 -0.97 -23.94 -43.59
C ARG C 55 -1.01 -22.84 -42.54
N VAL C 56 -2.21 -22.50 -42.07
CA VAL C 56 -2.39 -21.50 -41.04
C VAL C 56 -2.64 -22.20 -39.71
N PHE C 57 -1.98 -21.71 -38.66
CA PHE C 57 -2.09 -22.28 -37.32
C PHE C 57 -3.51 -22.09 -36.77
N TRP C 58 -4.41 -23.03 -37.08
CA TRP C 58 -5.81 -22.88 -36.69
C TRP C 58 -6.00 -22.94 -35.18
N LYS C 59 -5.27 -23.82 -34.49
CA LYS C 59 -5.39 -23.85 -33.04
C LYS C 59 -4.92 -22.54 -32.42
N GLY C 60 -3.91 -21.91 -33.02
CA GLY C 60 -3.47 -20.61 -32.53
C GLY C 60 -4.55 -19.56 -32.71
N VAL C 61 -5.26 -19.60 -33.83
CA VAL C 61 -6.34 -18.64 -34.06
C VAL C 61 -7.47 -18.86 -33.06
N LEU C 62 -7.86 -20.12 -32.84
CA LEU C 62 -8.98 -20.41 -31.96
C LEU C 62 -8.63 -20.12 -30.51
N GLU C 63 -7.48 -20.60 -30.04
CA GLU C 63 -7.09 -20.40 -28.65
C GLU C 63 -6.85 -18.93 -28.34
N GLU C 64 -6.33 -18.17 -29.30
CA GLU C 64 -6.10 -16.75 -29.07
C GLU C 64 -7.42 -16.00 -28.94
N LEU C 65 -8.42 -16.38 -29.73
CA LEU C 65 -9.71 -15.69 -29.67
C LEU C 65 -10.44 -15.99 -28.37
N LEU C 66 -10.44 -17.25 -27.93
CA LEU C 66 -10.97 -17.57 -26.61
C LEU C 66 -10.20 -16.85 -25.52
N TRP C 67 -8.89 -16.69 -25.72
CA TRP C 67 -8.07 -15.92 -24.79
C TRP C 67 -8.47 -14.44 -24.79
N PHE C 68 -8.89 -13.91 -25.94
CA PHE C 68 -9.40 -12.55 -25.99
C PHE C 68 -10.73 -12.43 -25.26
N ILE C 69 -11.64 -13.38 -25.54
CA ILE C 69 -12.99 -13.30 -24.98
C ILE C 69 -12.96 -13.37 -23.46
N LYS C 70 -12.04 -14.17 -22.90
CA LYS C 70 -11.89 -14.24 -21.45
C LYS C 70 -11.36 -12.96 -20.84
N GLY C 71 -10.95 -11.99 -21.65
CA GLY C 71 -10.43 -10.74 -21.14
C GLY C 71 -9.02 -10.81 -20.59
N SER C 72 -8.29 -11.89 -20.85
CA SER C 72 -6.96 -12.07 -20.29
C SER C 72 -5.93 -11.27 -21.06
N THR C 73 -4.99 -10.68 -20.33
CA THR C 73 -3.83 -10.02 -20.93
C THR C 73 -2.53 -10.72 -20.53
N ASN C 74 -2.64 -11.97 -20.07
CA ASN C 74 -1.50 -12.74 -19.59
C ASN C 74 -1.10 -13.73 -20.67
N ALA C 75 0.11 -13.57 -21.21
CA ALA C 75 0.63 -14.49 -22.21
C ALA C 75 0.84 -15.90 -21.68
N LYS C 76 0.99 -16.07 -20.36
CA LYS C 76 1.15 -17.41 -19.81
C LYS C 76 -0.10 -18.25 -20.04
N GLU C 77 -1.29 -17.63 -19.96
CA GLU C 77 -2.52 -18.39 -20.12
C GLU C 77 -2.67 -18.88 -21.56
N LEU C 78 -2.27 -18.06 -22.52
CA LEU C 78 -2.32 -18.49 -23.91
C LEU C 78 -1.20 -19.48 -24.21
N SER C 79 -0.01 -19.27 -23.64
CA SER C 79 1.10 -20.18 -23.90
C SER C 79 0.86 -21.56 -23.29
N SER C 80 0.09 -21.64 -22.20
CA SER C 80 -0.22 -22.93 -21.60
C SER C 80 -1.14 -23.77 -22.49
N LYS C 81 -1.80 -23.16 -23.45
CA LYS C 81 -2.62 -23.89 -24.41
C LYS C 81 -1.83 -24.35 -25.63
N GLY C 82 -0.52 -24.17 -25.62
CA GLY C 82 0.31 -24.56 -26.75
C GLY C 82 0.45 -23.52 -27.84
N VAL C 83 0.04 -22.28 -27.57
CA VAL C 83 0.07 -21.20 -28.54
C VAL C 83 1.03 -20.15 -28.01
N LYS C 84 2.23 -20.09 -28.59
CA LYS C 84 3.31 -19.24 -28.09
C LYS C 84 3.47 -17.95 -28.89
N ILE C 85 2.42 -17.51 -29.59
CA ILE C 85 2.58 -16.37 -30.49
C ILE C 85 2.82 -15.06 -29.73
N TRP C 86 2.38 -14.97 -28.47
CA TRP C 86 2.57 -13.76 -27.67
C TRP C 86 3.68 -13.90 -26.65
N ASP C 87 4.46 -14.98 -26.70
CA ASP C 87 5.53 -15.16 -25.72
C ASP C 87 6.65 -14.15 -25.92
N ALA C 88 6.94 -13.78 -27.18
CA ALA C 88 8.02 -12.84 -27.44
C ALA C 88 7.70 -11.46 -26.89
N ASN C 89 6.53 -10.92 -27.21
CA ASN C 89 6.16 -9.61 -26.71
C ASN C 89 5.85 -9.61 -25.21
N GLY C 90 5.79 -10.78 -24.58
CA GLY C 90 5.62 -10.88 -23.15
C GLY C 90 6.84 -11.35 -22.40
N SER C 91 7.98 -11.51 -23.07
CA SER C 91 9.19 -11.99 -22.43
C SER C 91 9.78 -10.93 -21.50
N ARG C 92 10.72 -11.35 -20.67
CA ARG C 92 11.33 -10.44 -19.72
C ARG C 92 12.16 -9.36 -20.42
N ASP C 93 12.89 -9.75 -21.47
CA ASP C 93 13.75 -8.79 -22.17
C ASP C 93 12.92 -7.75 -22.92
N PHE C 94 11.80 -8.16 -23.53
CA PHE C 94 10.97 -7.21 -24.25
C PHE C 94 10.33 -6.21 -23.30
N LEU C 95 9.80 -6.68 -22.17
CA LEU C 95 9.19 -5.77 -21.20
C LEU C 95 10.23 -4.82 -20.62
N ASP C 96 11.46 -5.30 -20.42
CA ASP C 96 12.51 -4.42 -19.91
C ASP C 96 12.89 -3.36 -20.92
N SER C 97 12.88 -3.70 -22.21
CA SER C 97 13.23 -2.72 -23.23
C SER C 97 12.21 -1.60 -23.34
N LEU C 98 11.00 -1.80 -22.82
CA LEU C 98 9.96 -0.78 -22.83
C LEU C 98 9.89 -0.02 -21.51
N GLY C 99 10.74 -0.34 -20.54
CA GLY C 99 10.70 0.30 -19.26
C GLY C 99 9.80 -0.35 -18.24
N PHE C 100 9.23 -1.52 -18.54
CA PHE C 100 8.33 -2.21 -17.62
C PHE C 100 9.14 -3.13 -16.70
N SER C 101 10.07 -2.51 -15.97
CA SER C 101 11.00 -3.29 -15.14
C SER C 101 10.33 -3.97 -13.95
N THR C 102 9.18 -3.46 -13.50
CA THR C 102 8.50 -4.03 -12.34
C THR C 102 7.31 -4.90 -12.74
N ARG C 103 7.09 -5.11 -14.02
CA ARG C 103 5.96 -5.90 -14.50
C ARG C 103 6.33 -7.36 -14.65
N GLU C 104 5.44 -8.24 -14.22
CA GLU C 104 5.68 -9.67 -14.32
C GLU C 104 5.77 -10.12 -15.77
N GLU C 105 6.60 -11.13 -16.01
CA GLU C 105 6.74 -11.66 -17.35
C GLU C 105 5.41 -12.24 -17.84
N GLY C 106 5.07 -11.93 -19.09
CA GLY C 106 3.81 -12.33 -19.67
C GLY C 106 2.72 -11.28 -19.58
N ASP C 107 2.91 -10.23 -18.79
CA ASP C 107 1.93 -9.17 -18.66
C ASP C 107 2.06 -8.23 -19.85
N LEU C 108 1.17 -8.40 -20.83
CA LEU C 108 1.18 -7.57 -22.02
C LEU C 108 0.56 -6.19 -21.79
N GLY C 109 -0.05 -5.95 -20.63
CA GLY C 109 -0.70 -4.71 -20.36
C GLY C 109 -2.13 -4.69 -20.85
N PRO C 110 -2.77 -3.53 -20.77
CA PRO C 110 -4.17 -3.43 -21.22
C PRO C 110 -4.29 -3.56 -22.73
N VAL C 111 -4.45 -4.79 -23.22
CA VAL C 111 -4.47 -5.04 -24.66
C VAL C 111 -5.84 -5.57 -25.05
N TYR C 112 -5.90 -6.34 -26.14
CA TYR C 112 -7.17 -6.72 -26.74
C TYR C 112 -8.16 -7.23 -25.71
N GLY C 113 -7.73 -8.18 -24.87
CA GLY C 113 -8.66 -8.79 -23.91
C GLY C 113 -9.16 -7.80 -22.88
N PHE C 114 -8.30 -6.88 -22.44
CA PHE C 114 -8.72 -5.91 -21.43
C PHE C 114 -9.64 -4.85 -22.03
N GLN C 115 -9.34 -4.40 -23.25
CA GLN C 115 -10.15 -3.33 -23.85
C GLN C 115 -11.50 -3.84 -24.33
N TRP C 116 -11.58 -5.11 -24.73
CA TRP C 116 -12.85 -5.66 -25.18
C TRP C 116 -13.86 -5.73 -24.05
N ARG C 117 -13.40 -6.08 -22.84
CA ARG C 117 -14.30 -6.36 -21.73
C ARG C 117 -14.29 -5.32 -20.63
N HIS C 118 -13.26 -4.48 -20.56
CA HIS C 118 -13.13 -3.51 -19.46
C HIS C 118 -12.56 -2.20 -19.97
N PHE C 119 -13.15 -1.67 -21.04
CA PHE C 119 -12.70 -0.38 -21.57
C PHE C 119 -13.03 0.71 -20.57
N GLY C 120 -12.03 1.48 -20.17
CA GLY C 120 -12.18 2.55 -19.21
C GLY C 120 -11.72 2.20 -17.81
N ALA C 121 -11.62 0.92 -17.49
CA ALA C 121 -11.16 0.51 -16.16
C ALA C 121 -9.69 0.84 -15.99
N GLU C 122 -9.30 1.08 -14.74
CA GLU C 122 -7.91 1.38 -14.43
C GLU C 122 -7.11 0.07 -14.41
N TYR C 123 -6.13 -0.03 -15.30
CA TYR C 123 -5.34 -1.25 -15.39
C TYR C 123 -4.30 -1.28 -14.28
N ARG C 124 -4.27 -2.38 -13.54
CA ARG C 124 -3.28 -2.60 -12.49
C ARG C 124 -2.26 -3.64 -12.95
N ASP C 125 -2.62 -4.92 -12.97
CA ASP C 125 -1.74 -5.95 -13.51
C ASP C 125 -2.60 -7.05 -14.13
N MET C 126 -1.93 -8.05 -14.70
CA MET C 126 -2.63 -9.12 -15.41
C MET C 126 -3.40 -10.04 -14.46
N GLU C 127 -3.10 -9.98 -13.17
CA GLU C 127 -3.74 -10.85 -12.18
C GLU C 127 -4.84 -10.14 -11.40
N SER C 128 -5.08 -8.86 -11.68
CA SER C 128 -6.08 -8.08 -10.97
C SER C 128 -7.49 -8.49 -11.39
N ASP C 129 -8.44 -8.25 -10.49
CA ASP C 129 -9.85 -8.49 -10.77
C ASP C 129 -10.49 -7.24 -11.32
N TYR C 130 -11.05 -7.34 -12.53
CA TYR C 130 -11.70 -6.21 -13.18
C TYR C 130 -13.20 -6.42 -13.37
N SER C 131 -13.77 -7.46 -12.75
CA SER C 131 -15.20 -7.72 -12.91
C SER C 131 -16.01 -6.55 -12.38
N GLY C 132 -16.93 -6.06 -13.22
CA GLY C 132 -17.73 -4.90 -12.89
C GLY C 132 -17.08 -3.57 -13.22
N GLN C 133 -15.83 -3.57 -13.67
CA GLN C 133 -15.11 -2.36 -14.03
C GLN C 133 -15.01 -2.22 -15.54
N GLY C 134 -15.17 -0.99 -16.03
CA GLY C 134 -15.03 -0.72 -17.44
C GLY C 134 -16.26 -1.08 -18.25
N VAL C 135 -16.17 -0.83 -19.55
CA VAL C 135 -17.24 -1.09 -20.50
C VAL C 135 -17.03 -2.46 -21.13
N ASP C 136 -18.07 -3.30 -21.09
CA ASP C 136 -18.03 -4.62 -21.75
C ASP C 136 -18.49 -4.43 -23.19
N GLN C 137 -17.56 -4.07 -24.06
CA GLN C 137 -17.93 -3.81 -25.46
C GLN C 137 -18.44 -5.07 -26.14
N LEU C 138 -17.82 -6.22 -25.85
CA LEU C 138 -18.18 -7.45 -26.56
C LEU C 138 -19.63 -7.82 -26.29
N GLN C 139 -20.06 -7.77 -25.02
CA GLN C 139 -21.43 -8.14 -24.70
C GLN C 139 -22.42 -7.09 -25.19
N ARG C 140 -22.06 -5.80 -25.11
CA ARG C 140 -22.95 -4.77 -25.60
C ARG C 140 -23.12 -4.84 -27.11
N VAL C 141 -22.10 -5.33 -27.82
CA VAL C 141 -22.25 -5.58 -29.26
C VAL C 141 -23.30 -6.64 -29.51
N ILE C 142 -23.22 -7.74 -28.76
CA ILE C 142 -24.16 -8.85 -28.94
C ILE C 142 -25.58 -8.42 -28.58
N ASP C 143 -25.73 -7.66 -27.51
CA ASP C 143 -27.06 -7.22 -27.09
C ASP C 143 -27.66 -6.24 -28.08
N THR C 144 -26.84 -5.34 -28.62
CA THR C 144 -27.34 -4.37 -29.60
C THR C 144 -27.79 -5.08 -30.88
N ILE C 145 -27.07 -6.13 -31.27
CA ILE C 145 -27.46 -6.90 -32.45
C ILE C 145 -28.81 -7.58 -32.22
N LYS C 146 -29.03 -8.11 -31.01
CA LYS C 146 -30.28 -8.77 -30.72
C LYS C 146 -31.45 -7.78 -30.65
N THR C 147 -31.20 -6.58 -30.12
CA THR C 147 -32.28 -5.63 -29.85
C THR C 147 -32.45 -4.56 -30.92
N ASN C 148 -31.43 -4.28 -31.72
CA ASN C 148 -31.50 -3.23 -32.74
C ASN C 148 -30.51 -3.55 -33.85
N PRO C 149 -30.91 -4.40 -34.81
CA PRO C 149 -29.98 -4.74 -35.90
C PRO C 149 -29.64 -3.57 -36.81
N ASP C 150 -30.50 -2.55 -36.90
CA ASP C 150 -30.25 -1.42 -37.78
C ASP C 150 -29.26 -0.42 -37.20
N ASP C 151 -28.79 -0.62 -35.96
CA ASP C 151 -27.90 0.34 -35.32
C ASP C 151 -26.59 0.45 -36.09
N ARG C 152 -26.14 1.67 -36.32
CA ARG C 152 -24.89 1.95 -37.02
C ARG C 152 -23.74 2.25 -36.07
N ARG C 153 -23.84 1.81 -34.81
CA ARG C 153 -22.82 2.09 -33.80
C ARG C 153 -22.38 0.82 -33.08
N ILE C 154 -22.64 -0.34 -33.67
CA ILE C 154 -22.25 -1.62 -33.10
C ILE C 154 -20.74 -1.79 -33.31
N ILE C 155 -19.95 -1.21 -32.41
CA ILE C 155 -18.51 -1.12 -32.59
C ILE C 155 -17.82 -1.63 -31.33
N MET C 156 -16.74 -2.40 -31.52
CA MET C 156 -15.86 -2.82 -30.44
C MET C 156 -14.48 -2.26 -30.75
N CYS C 157 -14.01 -1.32 -29.93
CA CYS C 157 -12.78 -0.60 -30.17
C CYS C 157 -11.74 -0.99 -29.12
N ALA C 158 -10.56 -1.41 -29.59
CA ALA C 158 -9.46 -1.78 -28.71
C ALA C 158 -8.41 -0.69 -28.57
N TRP C 159 -8.52 0.39 -29.33
CA TRP C 159 -7.54 1.48 -29.26
C TRP C 159 -7.91 2.42 -28.11
N ASN C 160 -7.15 2.34 -27.02
CA ASN C 160 -7.38 3.19 -25.86
C ASN C 160 -6.22 4.15 -25.70
N PRO C 161 -6.34 5.40 -26.18
CA PRO C 161 -5.22 6.34 -26.08
C PRO C 161 -4.70 6.54 -24.67
N ARG C 162 -5.55 6.37 -23.66
CA ARG C 162 -5.09 6.55 -22.28
C ARG C 162 -4.19 5.40 -21.84
N ASP C 163 -4.50 4.18 -22.28
CA ASP C 163 -3.75 3.00 -21.86
C ASP C 163 -2.57 2.68 -22.76
N LEU C 164 -2.31 3.50 -23.78
CA LEU C 164 -1.22 3.19 -24.72
C LEU C 164 0.14 3.07 -24.03
N PRO C 165 0.56 3.94 -23.12
CA PRO C 165 1.89 3.78 -22.51
C PRO C 165 2.04 2.52 -21.68
N LEU C 166 0.94 1.86 -21.30
CA LEU C 166 1.02 0.66 -20.48
C LEU C 166 1.04 -0.63 -21.30
N MET C 167 0.89 -0.54 -22.62
CA MET C 167 0.81 -1.73 -23.46
C MET C 167 2.18 -2.15 -23.95
N ALA C 168 2.45 -3.45 -23.91
CA ALA C 168 3.66 -3.99 -24.51
C ALA C 168 3.63 -3.88 -26.03
N LEU C 169 2.44 -3.98 -26.62
CA LEU C 169 2.24 -3.81 -28.05
C LEU C 169 0.84 -3.26 -28.26
N PRO C 170 0.72 -2.03 -28.77
CA PRO C 170 -0.61 -1.45 -28.98
C PRO C 170 -1.41 -2.28 -29.96
N PRO C 171 -2.73 -2.25 -29.88
CA PRO C 171 -3.55 -3.14 -30.70
C PRO C 171 -3.36 -2.92 -32.18
N CYS C 172 -3.11 -4.01 -32.90
CA CYS C 172 -2.94 -3.94 -34.34
C CYS C 172 -4.29 -3.96 -35.05
N HIS C 173 -5.18 -4.86 -34.66
CA HIS C 173 -6.58 -4.77 -35.06
C HIS C 173 -7.27 -3.92 -34.01
N ALA C 174 -7.42 -2.62 -34.32
CA ALA C 174 -7.76 -1.62 -33.30
C ALA C 174 -9.26 -1.38 -33.17
N LEU C 175 -10.02 -1.58 -34.23
CA LEU C 175 -11.45 -1.26 -34.21
C LEU C 175 -12.16 -2.17 -35.20
N CYS C 176 -13.31 -2.70 -34.78
CA CYS C 176 -14.15 -3.52 -35.63
C CYS C 176 -15.61 -3.10 -35.47
N GLN C 177 -16.36 -3.21 -36.57
CA GLN C 177 -17.77 -2.82 -36.59
C GLN C 177 -18.59 -3.97 -37.18
N PHE C 178 -19.80 -4.14 -36.64
CA PHE C 178 -20.71 -5.18 -37.09
C PHE C 178 -21.91 -4.54 -37.80
N TYR C 179 -22.55 -5.33 -38.65
CA TYR C 179 -23.59 -4.82 -39.55
C TYR C 179 -24.57 -5.93 -39.86
N VAL C 180 -25.86 -5.64 -39.76
CA VAL C 180 -26.91 -6.63 -39.94
C VAL C 180 -27.88 -6.15 -41.01
N VAL C 181 -28.12 -7.01 -42.00
CA VAL C 181 -29.17 -6.77 -42.98
C VAL C 181 -29.55 -8.11 -43.61
N ASN C 182 -30.84 -8.28 -43.88
CA ASN C 182 -31.37 -9.51 -44.47
C ASN C 182 -30.93 -10.75 -43.68
N SER C 183 -30.95 -10.63 -42.36
CA SER C 183 -30.57 -11.71 -41.43
C SER C 183 -29.11 -12.13 -41.58
N GLU C 184 -28.27 -11.28 -42.17
CA GLU C 184 -26.85 -11.55 -42.32
C GLU C 184 -26.04 -10.64 -41.41
N LEU C 185 -25.06 -11.23 -40.73
CA LEU C 185 -24.15 -10.50 -39.86
C LEU C 185 -22.82 -10.34 -40.58
N SER C 186 -22.41 -9.09 -40.78
CA SER C 186 -21.14 -8.77 -41.42
C SER C 186 -20.26 -8.02 -40.44
N CYS C 187 -18.95 -8.07 -40.71
CA CYS C 187 -17.96 -7.48 -39.82
C CYS C 187 -16.89 -6.79 -40.65
N GLN C 188 -16.55 -5.57 -40.26
CA GLN C 188 -15.42 -4.86 -40.85
C GLN C 188 -14.41 -4.52 -39.75
N LEU C 189 -13.14 -4.74 -40.05
CA LEU C 189 -12.04 -4.51 -39.11
C LEU C 189 -11.08 -3.48 -39.68
N TYR C 190 -10.71 -2.50 -38.86
CA TYR C 190 -9.64 -1.57 -39.20
C TYR C 190 -8.37 -2.03 -38.50
N GLN C 191 -7.39 -2.49 -39.29
CA GLN C 191 -6.11 -2.94 -38.78
C GLN C 191 -5.07 -1.86 -39.08
N ARG C 192 -4.60 -1.18 -38.03
CA ARG C 192 -3.65 -0.08 -38.21
C ARG C 192 -2.34 -0.56 -38.81
N SER C 193 -1.98 -1.82 -38.57
CA SER C 193 -0.68 -2.35 -38.98
C SER C 193 -0.84 -3.82 -39.37
N GLY C 194 -0.40 -4.17 -40.57
CA GLY C 194 -0.58 -5.52 -41.04
C GLY C 194 0.71 -6.22 -41.44
N ASP C 195 1.15 -7.16 -40.61
CA ASP C 195 2.22 -8.08 -40.98
C ASP C 195 1.65 -9.09 -41.97
N MET C 196 1.89 -8.86 -43.26
CA MET C 196 1.22 -9.65 -44.30
C MET C 196 1.61 -11.12 -44.24
N GLY C 197 2.80 -11.43 -43.75
CA GLY C 197 3.25 -12.81 -43.73
C GLY C 197 2.79 -13.61 -42.52
N LEU C 198 2.66 -12.95 -41.37
CA LEU C 198 2.35 -13.64 -40.12
C LEU C 198 0.98 -13.23 -39.57
N GLY C 199 0.80 -11.97 -39.19
CA GLY C 199 -0.40 -11.57 -38.47
C GLY C 199 -1.65 -11.54 -39.33
N VAL C 200 -1.53 -11.06 -40.57
CA VAL C 200 -2.71 -10.86 -41.40
C VAL C 200 -3.50 -12.15 -41.63
N PRO C 201 -2.87 -13.29 -41.98
CA PRO C 201 -3.66 -14.54 -42.08
C PRO C 201 -4.30 -14.95 -40.76
N PHE C 202 -3.62 -14.72 -39.64
CA PHE C 202 -4.23 -14.96 -38.34
C PHE C 202 -5.46 -14.06 -38.13
N ASN C 203 -5.29 -12.76 -38.37
CA ASN C 203 -6.35 -11.81 -38.05
C ASN C 203 -7.59 -12.03 -38.93
N ILE C 204 -7.38 -12.37 -40.20
CA ILE C 204 -8.53 -12.60 -41.09
C ILE C 204 -9.34 -13.79 -40.59
N ALA C 205 -8.65 -14.87 -40.22
CA ALA C 205 -9.35 -16.03 -39.68
C ALA C 205 -9.91 -15.76 -38.29
N SER C 206 -9.24 -14.90 -37.52
CA SER C 206 -9.69 -14.62 -36.16
C SER C 206 -11.03 -13.90 -36.14
N TYR C 207 -11.14 -12.79 -36.86
CA TYR C 207 -12.39 -12.05 -36.85
C TYR C 207 -13.49 -12.70 -37.66
N ALA C 208 -13.16 -13.58 -38.60
CA ALA C 208 -14.20 -14.39 -39.21
C ALA C 208 -14.78 -15.37 -38.19
N LEU C 209 -13.91 -15.94 -37.36
CA LEU C 209 -14.37 -16.84 -36.30
C LEU C 209 -15.22 -16.09 -35.28
N LEU C 210 -14.83 -14.87 -34.92
CA LEU C 210 -15.62 -14.08 -33.98
C LEU C 210 -17.00 -13.76 -34.55
N THR C 211 -17.06 -13.47 -35.86
CA THR C 211 -18.34 -13.23 -36.50
C THR C 211 -19.21 -14.48 -36.51
N TYR C 212 -18.59 -15.65 -36.73
CA TYR C 212 -19.33 -16.89 -36.63
C TYR C 212 -19.88 -17.11 -35.22
N MET C 213 -19.11 -16.74 -34.20
CA MET C 213 -19.56 -16.91 -32.82
C MET C 213 -20.77 -16.03 -32.54
N ILE C 214 -20.69 -14.75 -32.90
CA ILE C 214 -21.78 -13.82 -32.60
C ILE C 214 -23.02 -14.16 -33.43
N ALA C 215 -22.83 -14.52 -34.69
CA ALA C 215 -23.97 -14.90 -35.52
C ALA C 215 -24.65 -16.15 -34.98
N HIS C 216 -23.87 -17.08 -34.43
CA HIS C 216 -24.43 -18.28 -33.83
C HIS C 216 -25.27 -17.94 -32.61
N ILE C 217 -24.82 -16.98 -31.81
CA ILE C 217 -25.55 -16.58 -30.61
C ILE C 217 -26.78 -15.77 -30.97
N THR C 218 -26.62 -14.80 -31.87
CA THR C 218 -27.71 -13.90 -32.25
C THR C 218 -28.64 -14.49 -33.29
N GLY C 219 -28.41 -15.72 -33.73
CA GLY C 219 -29.29 -16.35 -34.71
C GLY C 219 -29.21 -15.75 -36.10
N LEU C 220 -28.05 -15.20 -36.47
CA LEU C 220 -27.86 -14.62 -37.78
C LEU C 220 -26.94 -15.51 -38.62
N LYS C 221 -26.94 -15.24 -39.93
CA LYS C 221 -26.08 -15.98 -40.84
C LYS C 221 -24.84 -15.14 -41.15
N PRO C 222 -23.65 -15.72 -41.13
CA PRO C 222 -22.45 -14.94 -41.45
C PRO C 222 -22.49 -14.42 -42.88
N GLY C 223 -22.11 -13.16 -43.05
CA GLY C 223 -22.14 -12.53 -44.35
C GLY C 223 -20.76 -12.29 -44.94
N ASP C 224 -20.26 -11.07 -44.76
CA ASP C 224 -18.96 -10.67 -45.28
C ASP C 224 -18.04 -10.24 -44.15
N PHE C 225 -16.74 -10.43 -44.36
CA PHE C 225 -15.70 -9.86 -43.50
C PHE C 225 -14.88 -8.90 -44.33
N ILE C 226 -14.95 -7.61 -44.00
CA ILE C 226 -14.22 -6.58 -44.72
C ILE C 226 -12.95 -6.29 -43.95
N HIS C 227 -11.80 -6.60 -44.56
CA HIS C 227 -10.51 -6.40 -43.92
C HIS C 227 -9.90 -5.10 -44.44
N THR C 228 -9.87 -4.08 -43.58
CA THR C 228 -9.31 -2.79 -43.93
C THR C 228 -7.94 -2.64 -43.27
N LEU C 229 -6.93 -2.32 -44.08
CA LEU C 229 -5.55 -2.23 -43.61
C LEU C 229 -5.06 -0.79 -43.63
N GLY C 230 -4.26 -0.44 -42.63
CA GLY C 230 -3.56 0.83 -42.61
C GLY C 230 -2.19 0.68 -43.24
N ASP C 231 -1.19 0.36 -42.43
CA ASP C 231 0.16 0.09 -42.92
C ASP C 231 0.25 -1.40 -43.23
N ALA C 232 -0.11 -1.76 -44.46
CA ALA C 232 0.08 -3.12 -44.94
C ALA C 232 1.51 -3.25 -45.43
N HIS C 233 2.31 -4.03 -44.73
CA HIS C 233 3.75 -4.10 -44.99
C HIS C 233 4.19 -5.55 -45.08
N ILE C 234 5.20 -5.79 -45.91
CA ILE C 234 5.85 -7.09 -46.03
C ILE C 234 7.29 -6.93 -45.55
N TYR C 235 7.64 -7.66 -44.50
CA TYR C 235 9.01 -7.60 -43.99
C TYR C 235 9.99 -8.15 -45.01
N LEU C 236 11.22 -7.63 -44.96
CA LEU C 236 12.22 -8.02 -45.95
C LEU C 236 12.52 -9.50 -45.86
N ASN C 237 12.62 -10.04 -44.65
CA ASN C 237 12.85 -11.48 -44.52
C ASN C 237 11.61 -12.32 -44.83
N HIS C 238 10.54 -11.70 -45.32
CA HIS C 238 9.35 -12.41 -45.77
C HIS C 238 9.16 -12.32 -47.28
N ILE C 239 10.01 -11.58 -47.99
CA ILE C 239 9.82 -11.38 -49.42
C ILE C 239 10.00 -12.69 -50.17
N GLU C 240 11.06 -13.43 -49.86
CA GLU C 240 11.31 -14.70 -50.54
C GLU C 240 10.31 -15.77 -50.12
N PRO C 241 9.96 -15.90 -48.84
CA PRO C 241 8.90 -16.87 -48.49
C PRO C 241 7.55 -16.55 -49.13
N LEU C 242 7.18 -15.26 -49.20
CA LEU C 242 5.90 -14.91 -49.79
C LEU C 242 5.91 -15.08 -51.31
N LYS C 243 7.07 -14.89 -51.94
CA LYS C 243 7.16 -15.14 -53.38
C LYS C 243 6.95 -16.61 -53.69
N ILE C 244 7.30 -17.51 -52.76
CA ILE C 244 7.00 -18.93 -52.93
C ILE C 244 5.52 -19.18 -52.75
N GLN C 245 4.91 -18.56 -51.73
CA GLN C 245 3.47 -18.73 -51.50
C GLN C 245 2.66 -18.18 -52.67
N LEU C 246 3.15 -17.13 -53.32
CA LEU C 246 2.43 -16.52 -54.43
C LEU C 246 2.41 -17.39 -55.68
N GLN C 247 3.24 -18.43 -55.75
CA GLN C 247 3.25 -19.33 -56.89
C GLN C 247 2.34 -20.53 -56.71
N ARG C 248 1.69 -20.65 -55.56
CA ARG C 248 0.86 -21.81 -55.26
C ARG C 248 -0.60 -21.55 -55.65
N GLU C 249 -1.21 -22.55 -56.27
CA GLU C 249 -2.60 -22.41 -56.68
C GLU C 249 -3.51 -22.50 -55.48
N PRO C 250 -4.32 -21.48 -55.20
CA PRO C 250 -5.21 -21.54 -54.03
C PRO C 250 -6.31 -22.57 -54.23
N ARG C 251 -6.68 -23.20 -53.12
CA ARG C 251 -7.71 -24.23 -53.09
C ARG C 251 -8.95 -23.71 -52.37
N PRO C 252 -10.11 -24.33 -52.58
CA PRO C 252 -11.34 -23.81 -51.97
C PRO C 252 -11.24 -23.66 -50.46
N PHE C 253 -11.90 -22.63 -49.94
CA PHE C 253 -11.89 -22.36 -48.52
C PHE C 253 -12.57 -23.51 -47.77
N PRO C 254 -12.15 -23.78 -46.54
CA PRO C 254 -12.83 -24.81 -45.73
C PRO C 254 -14.16 -24.34 -45.19
N LYS C 255 -14.77 -25.13 -44.32
CA LYS C 255 -16.03 -24.79 -43.69
C LYS C 255 -15.87 -24.88 -42.18
N LEU C 256 -16.65 -24.06 -41.48
CA LEU C 256 -16.62 -24.02 -40.02
C LEU C 256 -17.95 -24.55 -39.49
N ARG C 257 -17.87 -25.59 -38.66
CA ARG C 257 -19.05 -26.18 -38.04
C ARG C 257 -19.00 -25.97 -36.54
N ILE C 258 -20.10 -25.47 -35.98
CA ILE C 258 -20.24 -25.30 -34.54
C ILE C 258 -21.05 -26.48 -34.02
N LEU C 259 -20.48 -27.21 -33.06
CA LEU C 259 -20.99 -28.52 -32.69
C LEU C 259 -22.10 -28.48 -31.65
N ARG C 260 -22.32 -27.36 -30.97
CA ARG C 260 -23.38 -27.30 -29.96
C ARG C 260 -23.96 -25.89 -29.90
N LYS C 261 -25.18 -25.80 -29.40
CA LYS C 261 -25.87 -24.52 -29.25
C LYS C 261 -25.36 -23.81 -28.01
N VAL C 262 -24.68 -22.67 -28.20
CA VAL C 262 -24.10 -21.90 -27.11
C VAL C 262 -24.90 -20.61 -26.94
N GLU C 263 -25.19 -20.25 -25.70
CA GLU C 263 -26.03 -19.09 -25.39
C GLU C 263 -25.21 -17.83 -25.15
N LYS C 264 -24.11 -17.93 -24.40
CA LYS C 264 -23.26 -16.79 -24.10
C LYS C 264 -21.89 -17.00 -24.72
N ILE C 265 -21.28 -15.91 -25.19
CA ILE C 265 -19.99 -16.00 -25.86
C ILE C 265 -18.90 -16.48 -24.91
N ASP C 266 -19.09 -16.30 -23.60
CA ASP C 266 -18.14 -16.78 -22.62
C ASP C 266 -18.19 -18.30 -22.48
N ASP C 267 -19.29 -18.93 -22.89
CA ASP C 267 -19.49 -20.36 -22.75
C ASP C 267 -18.81 -21.16 -23.86
N PHE C 268 -18.32 -20.50 -24.91
CA PHE C 268 -17.65 -21.20 -26.00
C PHE C 268 -16.38 -21.88 -25.51
N LYS C 269 -16.23 -23.16 -25.87
CA LYS C 269 -15.01 -23.90 -25.58
C LYS C 269 -14.32 -24.28 -26.88
N ALA C 270 -13.03 -24.59 -26.78
CA ALA C 270 -12.24 -24.88 -27.97
C ALA C 270 -12.74 -26.12 -28.69
N GLU C 271 -13.36 -27.05 -27.96
CA GLU C 271 -13.83 -28.31 -28.53
C GLU C 271 -15.15 -28.16 -29.28
N ASP C 272 -15.72 -26.96 -29.33
CA ASP C 272 -16.99 -26.71 -29.98
C ASP C 272 -16.87 -26.43 -31.47
N PHE C 273 -15.65 -26.32 -32.00
CA PHE C 273 -15.42 -25.91 -33.37
C PHE C 273 -14.69 -26.99 -34.14
N GLN C 274 -14.98 -27.08 -35.45
CA GLN C 274 -14.40 -28.11 -36.30
C GLN C 274 -14.25 -27.55 -37.70
N ILE C 275 -13.02 -27.52 -38.20
CA ILE C 275 -12.72 -27.08 -39.56
C ILE C 275 -12.76 -28.31 -40.46
N GLU C 276 -13.60 -28.26 -41.49
CA GLU C 276 -13.80 -29.36 -42.42
C GLU C 276 -13.32 -28.97 -43.81
N GLY C 277 -12.64 -29.90 -44.48
CA GLY C 277 -12.21 -29.66 -45.84
C GLY C 277 -11.02 -28.74 -45.99
N TYR C 278 -10.14 -28.70 -45.00
CA TYR C 278 -8.95 -27.84 -45.06
C TYR C 278 -7.79 -28.65 -45.62
N ASN C 279 -7.44 -28.39 -46.88
CA ASN C 279 -6.33 -29.05 -47.57
C ASN C 279 -5.36 -27.98 -48.05
N PRO C 280 -4.51 -27.47 -47.15
CA PRO C 280 -3.60 -26.40 -47.53
C PRO C 280 -2.29 -26.90 -48.10
N HIS C 281 -1.57 -25.97 -48.74
CA HIS C 281 -0.21 -26.21 -49.18
C HIS C 281 0.69 -26.34 -47.96
N PRO C 282 1.93 -26.82 -48.14
CA PRO C 282 2.81 -26.97 -46.97
C PRO C 282 3.03 -25.64 -46.24
N THR C 283 3.34 -25.76 -44.96
CA THR C 283 3.55 -24.58 -44.12
C THR C 283 4.82 -23.85 -44.53
N ILE C 284 4.78 -22.53 -44.47
CA ILE C 284 5.92 -21.69 -44.82
C ILE C 284 6.34 -20.97 -43.54
N LYS C 285 7.54 -21.29 -43.05
CA LYS C 285 8.03 -20.68 -41.83
C LYS C 285 8.48 -19.24 -42.09
N MET C 286 8.01 -18.32 -41.26
CA MET C 286 8.37 -16.91 -41.35
C MET C 286 8.62 -16.37 -39.95
N GLU C 287 9.78 -15.76 -39.77
CA GLU C 287 10.19 -15.29 -38.44
C GLU C 287 9.41 -14.04 -38.05
N MET C 288 9.19 -13.91 -36.74
CA MET C 288 8.50 -12.74 -36.21
C MET C 288 9.49 -11.60 -35.99
N ALA C 289 9.08 -10.39 -36.37
CA ALA C 289 9.83 -9.19 -36.06
C ALA C 289 9.45 -8.72 -34.67
N VAL C 290 10.40 -8.70 -33.75
CA VAL C 290 10.10 -8.31 -32.37
C VAL C 290 10.57 -6.88 -32.14
N SER D 6 -5.25 22.78 33.93
CA SER D 6 -6.20 23.79 34.36
C SER D 6 -6.34 24.90 33.31
N GLU D 7 -7.40 25.69 33.43
CA GLU D 7 -7.67 26.74 32.45
C GLU D 7 -6.68 27.89 32.56
N LEU D 8 -6.09 28.09 33.74
CA LEU D 8 -5.13 29.18 33.93
C LEU D 8 -3.93 29.06 33.00
N GLN D 9 -3.66 27.88 32.45
CA GLN D 9 -2.57 27.73 31.50
C GLN D 9 -2.85 28.52 30.22
N TYR D 10 -4.07 28.44 29.70
CA TYR D 10 -4.42 29.24 28.53
C TYR D 10 -4.40 30.73 28.85
N LEU D 11 -4.96 31.11 29.99
CA LEU D 11 -4.94 32.52 30.39
C LEU D 11 -3.51 33.00 30.63
N GLY D 12 -2.65 32.14 31.14
CA GLY D 12 -1.25 32.52 31.32
C GLY D 12 -0.53 32.77 30.01
N GLN D 13 -0.86 31.98 28.98
CA GLN D 13 -0.24 32.19 27.67
C GLN D 13 -0.68 33.51 27.05
N ILE D 14 -1.94 33.90 27.24
CA ILE D 14 -2.40 35.19 26.74
C ILE D 14 -1.63 36.33 27.40
N GLN D 15 -1.49 36.25 28.73
CA GLN D 15 -0.77 37.31 29.45
C GLN D 15 0.69 37.38 29.01
N HIS D 16 1.29 36.24 28.68
CA HIS D 16 2.69 36.25 28.26
C HIS D 16 2.85 36.86 26.88
N ILE D 17 1.88 36.63 25.99
CA ILE D 17 1.96 37.19 24.64
C ILE D 17 1.70 38.69 24.67
N LEU D 18 0.72 39.13 25.46
CA LEU D 18 0.44 40.55 25.55
C LEU D 18 1.57 41.33 26.20
N ARG D 19 2.30 40.69 27.12
CA ARG D 19 3.35 41.39 27.86
C ARG D 19 4.73 41.22 27.23
N CYS D 20 5.02 40.06 26.64
CA CYS D 20 6.33 39.77 26.11
C CYS D 20 6.33 39.38 24.63
N GLY D 21 5.16 39.36 23.98
CA GLY D 21 5.13 39.10 22.57
C GLY D 21 5.68 40.26 21.76
N VAL D 22 6.07 39.97 20.52
CA VAL D 22 6.66 40.97 19.64
C VAL D 22 5.71 41.24 18.48
N ARG D 23 5.75 42.47 17.99
CA ARG D 23 4.94 42.84 16.83
C ARG D 23 5.43 42.10 15.60
N LYS D 24 4.49 41.54 14.83
CA LYS D 24 4.85 40.72 13.68
C LYS D 24 3.75 40.79 12.64
N ASP D 25 4.13 41.07 11.40
CA ASP D 25 3.20 41.03 10.29
C ASP D 25 2.84 39.58 9.95
N ASP D 26 1.88 39.40 9.06
CA ASP D 26 1.39 38.06 8.77
C ASP D 26 0.82 38.02 7.35
N ARG D 27 0.34 36.82 6.99
CA ARG D 27 -0.25 36.62 5.67
C ARG D 27 -1.44 37.54 5.43
N THR D 28 -2.25 37.77 6.46
CA THR D 28 -3.42 38.63 6.37
C THR D 28 -2.99 40.10 6.49
N GLY D 29 -3.96 40.98 6.66
CA GLY D 29 -3.69 42.40 6.81
C GLY D 29 -3.46 42.80 8.25
N THR D 30 -4.27 42.26 9.16
CA THR D 30 -4.14 42.58 10.56
C THR D 30 -2.82 42.07 11.12
N GLY D 31 -2.17 42.88 11.97
CA GLY D 31 -0.94 42.47 12.60
C GLY D 31 -1.17 41.49 13.73
N THR D 32 -0.06 41.06 14.34
CA THR D 32 -0.11 40.11 15.44
C THR D 32 0.92 40.49 16.50
N LEU D 33 0.65 40.02 17.73
CA LEU D 33 1.67 39.91 18.77
C LEU D 33 2.02 38.43 18.88
N SER D 34 3.25 38.08 18.55
CA SER D 34 3.63 36.70 18.32
C SER D 34 4.64 36.21 19.35
N VAL D 35 4.51 34.93 19.71
CA VAL D 35 5.48 34.22 20.54
C VAL D 35 5.64 32.83 19.95
N PHE D 36 6.88 32.41 19.74
CA PHE D 36 7.18 31.14 19.08
C PHE D 36 7.63 30.12 20.12
N GLY D 37 6.90 29.02 20.23
CA GLY D 37 7.25 27.95 21.15
C GLY D 37 6.51 28.02 22.47
N MET D 38 5.44 27.22 22.60
CA MET D 38 4.66 27.17 23.81
C MET D 38 4.14 25.75 24.01
N GLN D 39 3.77 25.44 25.24
CA GLN D 39 3.22 24.14 25.56
C GLN D 39 2.31 24.24 26.78
N ALA D 40 1.20 23.52 26.74
CA ALA D 40 0.26 23.46 27.85
C ALA D 40 -0.24 22.03 27.98
N ARG D 41 -0.57 21.65 29.21
CA ARG D 41 -1.05 20.30 29.51
C ARG D 41 -2.43 20.41 30.17
N TYR D 42 -3.45 19.86 29.50
CA TYR D 42 -4.81 19.88 29.99
C TYR D 42 -5.22 18.47 30.39
N SER D 43 -5.61 18.29 31.64
CA SER D 43 -6.02 16.98 32.12
C SER D 43 -7.41 16.64 31.58
N LEU D 44 -7.54 15.42 31.05
CA LEU D 44 -8.81 14.92 30.55
C LEU D 44 -9.47 13.96 31.54
N ARG D 45 -8.92 13.83 32.74
CA ARG D 45 -9.42 12.85 33.71
C ARG D 45 -10.59 13.44 34.48
N ASP D 46 -11.79 12.90 34.22
CA ASP D 46 -13.02 13.30 34.91
C ASP D 46 -13.36 14.78 34.69
N GLU D 47 -12.88 15.35 33.58
CA GLU D 47 -13.28 16.69 33.19
C GLU D 47 -12.93 16.90 31.73
N PHE D 48 -13.51 17.94 31.14
CA PHE D 48 -13.33 18.27 29.74
C PHE D 48 -12.88 19.72 29.61
N PRO D 49 -11.74 19.98 28.95
CA PRO D 49 -11.20 21.35 28.88
C PRO D 49 -11.96 22.24 27.90
N LEU D 50 -13.20 22.59 28.27
CA LEU D 50 -13.98 23.59 27.55
C LEU D 50 -13.92 24.89 28.34
N LEU D 51 -13.35 25.92 27.72
CA LEU D 51 -13.04 27.15 28.44
C LEU D 51 -14.29 27.77 29.05
N THR D 52 -14.14 28.31 30.26
CA THR D 52 -15.22 28.97 30.97
C THR D 52 -15.13 30.49 30.94
N THR D 53 -13.94 31.04 30.69
CA THR D 53 -13.79 32.49 30.61
C THR D 53 -14.45 33.09 29.37
N LYS D 54 -14.90 32.26 28.43
CA LYS D 54 -15.71 32.72 27.32
C LYS D 54 -16.46 31.54 26.72
N ARG D 55 -17.69 31.78 26.30
CA ARG D 55 -18.55 30.75 25.73
C ARG D 55 -17.95 30.18 24.46
N VAL D 56 -17.46 28.95 24.51
CA VAL D 56 -16.87 28.30 23.34
C VAL D 56 -17.98 27.67 22.51
N PHE D 57 -17.94 27.89 21.21
CA PHE D 57 -18.93 27.33 20.29
C PHE D 57 -18.83 25.82 20.26
N TRP D 58 -19.48 25.13 21.20
CA TRP D 58 -19.34 23.68 21.29
C TRP D 58 -19.98 22.99 20.09
N LYS D 59 -21.11 23.53 19.60
CA LYS D 59 -21.75 22.96 18.42
C LYS D 59 -20.82 23.06 17.20
N GLY D 60 -20.04 24.14 17.13
CA GLY D 60 -19.04 24.24 16.07
C GLY D 60 -17.90 23.26 16.23
N VAL D 61 -17.47 23.02 17.47
CA VAL D 61 -16.38 22.08 17.72
C VAL D 61 -16.81 20.66 17.36
N LEU D 62 -18.01 20.26 17.77
CA LEU D 62 -18.43 18.87 17.55
C LEU D 62 -18.71 18.60 16.08
N GLU D 63 -19.44 19.50 15.42
CA GLU D 63 -19.78 19.29 14.01
C GLU D 63 -18.54 19.32 13.13
N GLU D 64 -17.54 20.13 13.48
CA GLU D 64 -16.33 20.20 12.67
C GLU D 64 -15.54 18.89 12.75
N LEU D 65 -15.50 18.26 13.93
CA LEU D 65 -14.76 17.01 14.07
C LEU D 65 -15.46 15.87 13.35
N LEU D 66 -16.78 15.77 13.50
CA LEU D 66 -17.54 14.79 12.73
C LEU D 66 -17.36 15.03 11.24
N TRP D 67 -17.26 16.30 10.84
CA TRP D 67 -16.96 16.65 9.46
C TRP D 67 -15.57 16.20 9.04
N PHE D 68 -14.62 16.21 9.99
CA PHE D 68 -13.27 15.69 9.70
C PHE D 68 -13.29 14.18 9.52
N ILE D 69 -13.98 13.47 10.41
CA ILE D 69 -13.99 12.01 10.39
C ILE D 69 -14.63 11.50 9.11
N LYS D 70 -15.64 12.19 8.61
CA LYS D 70 -16.27 11.81 7.35
C LYS D 70 -15.33 12.00 6.15
N GLY D 71 -14.17 12.62 6.35
CA GLY D 71 -13.25 12.83 5.25
C GLY D 71 -13.65 13.93 4.29
N SER D 72 -14.62 14.76 4.66
CA SER D 72 -15.15 15.77 3.75
C SER D 72 -14.22 16.97 3.68
N THR D 73 -14.07 17.51 2.47
CA THR D 73 -13.35 18.76 2.24
C THR D 73 -14.27 19.84 1.69
N ASN D 74 -15.58 19.67 1.86
CA ASN D 74 -16.58 20.60 1.36
C ASN D 74 -17.05 21.46 2.53
N ALA D 75 -16.74 22.76 2.46
CA ALA D 75 -17.19 23.67 3.51
C ALA D 75 -18.70 23.85 3.52
N LYS D 76 -19.35 23.61 2.37
CA LYS D 76 -20.80 23.72 2.31
C LYS D 76 -21.50 22.66 3.14
N GLU D 77 -20.92 21.45 3.20
CA GLU D 77 -21.54 20.38 3.97
C GLU D 77 -21.46 20.66 5.47
N LEU D 78 -20.37 21.28 5.93
CA LEU D 78 -20.27 21.67 7.32
C LEU D 78 -21.16 22.87 7.63
N SER D 79 -21.28 23.80 6.69
CA SER D 79 -22.10 24.98 6.90
C SER D 79 -23.58 24.62 7.04
N SER D 80 -24.00 23.51 6.42
CA SER D 80 -25.38 23.06 6.55
C SER D 80 -25.71 22.61 7.97
N LYS D 81 -24.71 22.36 8.79
CA LYS D 81 -24.91 22.02 10.20
C LYS D 81 -24.98 23.25 11.08
N GLY D 82 -25.00 24.44 10.48
CA GLY D 82 -25.02 25.68 11.24
C GLY D 82 -23.66 26.19 11.66
N VAL D 83 -22.58 25.65 11.11
CA VAL D 83 -21.21 26.02 11.46
C VAL D 83 -20.56 26.61 10.21
N LYS D 84 -20.42 27.93 10.17
CA LYS D 84 -19.93 28.63 9.00
C LYS D 84 -18.47 29.02 9.12
N ILE D 85 -17.70 28.35 10.00
CA ILE D 85 -16.35 28.78 10.30
C ILE D 85 -15.40 28.61 9.12
N TRP D 86 -15.71 27.71 8.19
CA TRP D 86 -14.87 27.48 7.02
C TRP D 86 -15.46 28.10 5.76
N ASP D 87 -16.56 28.86 5.89
CA ASP D 87 -17.20 29.44 4.71
C ASP D 87 -16.34 30.52 4.07
N ALA D 88 -15.60 31.29 4.88
CA ALA D 88 -14.77 32.36 4.33
C ALA D 88 -13.67 31.79 3.45
N ASN D 89 -12.92 30.80 3.96
CA ASN D 89 -11.84 30.19 3.21
C ASN D 89 -12.33 29.33 2.05
N GLY D 90 -13.63 29.10 1.93
CA GLY D 90 -14.20 28.38 0.81
C GLY D 90 -15.03 29.21 -0.15
N SER D 91 -15.09 30.52 0.02
CA SER D 91 -15.94 31.36 -0.81
C SER D 91 -15.35 31.48 -2.22
N ARG D 92 -16.18 31.99 -3.14
CA ARG D 92 -15.75 32.14 -4.53
C ARG D 92 -14.62 33.15 -4.65
N ASP D 93 -14.69 34.25 -3.90
CA ASP D 93 -13.65 35.27 -3.99
C ASP D 93 -12.33 34.75 -3.43
N PHE D 94 -12.38 33.98 -2.34
CA PHE D 94 -11.15 33.48 -1.72
C PHE D 94 -10.44 32.49 -2.63
N LEU D 95 -11.18 31.56 -3.22
CA LEU D 95 -10.56 30.58 -4.10
C LEU D 95 -9.93 31.24 -5.33
N ASP D 96 -10.57 32.29 -5.85
CA ASP D 96 -10.02 32.99 -7.00
C ASP D 96 -8.72 33.71 -6.65
N SER D 97 -8.63 34.25 -5.43
CA SER D 97 -7.42 34.94 -5.02
C SER D 97 -6.23 34.01 -4.88
N LEU D 98 -6.46 32.70 -4.79
CA LEU D 98 -5.39 31.72 -4.72
C LEU D 98 -5.08 31.09 -6.07
N GLY D 99 -5.78 31.48 -7.13
CA GLY D 99 -5.59 30.90 -8.44
C GLY D 99 -6.43 29.70 -8.75
N PHE D 100 -7.37 29.34 -7.87
CA PHE D 100 -8.21 28.15 -8.07
C PHE D 100 -9.44 28.49 -8.91
N SER D 101 -9.18 28.97 -10.12
CA SER D 101 -10.24 29.45 -10.99
C SER D 101 -11.17 28.34 -11.48
N THR D 102 -10.72 27.09 -11.45
CA THR D 102 -11.54 25.97 -11.92
C THR D 102 -12.16 25.19 -10.77
N ARG D 103 -12.00 25.66 -9.54
CA ARG D 103 -12.53 24.98 -8.37
C ARG D 103 -13.94 25.48 -8.04
N GLU D 104 -14.83 24.55 -7.71
CA GLU D 104 -16.17 24.91 -7.28
C GLU D 104 -16.14 25.50 -5.88
N GLU D 105 -17.18 26.27 -5.57
CA GLU D 105 -17.25 26.91 -4.26
C GLU D 105 -17.45 25.87 -3.16
N GLY D 106 -16.69 26.03 -2.08
CA GLY D 106 -16.69 25.10 -0.98
C GLY D 106 -15.59 24.06 -1.02
N ASP D 107 -14.91 23.90 -2.16
CA ASP D 107 -13.84 22.92 -2.28
C ASP D 107 -12.58 23.49 -1.65
N LEU D 108 -12.30 23.10 -0.41
CA LEU D 108 -11.13 23.56 0.30
C LEU D 108 -9.85 22.87 -0.14
N GLY D 109 -9.95 21.83 -0.97
CA GLY D 109 -8.80 21.08 -1.39
C GLY D 109 -8.47 19.97 -0.42
N PRO D 110 -7.36 19.28 -0.63
CA PRO D 110 -6.98 18.17 0.27
C PRO D 110 -6.57 18.66 1.66
N VAL D 111 -7.53 18.78 2.57
CA VAL D 111 -7.27 19.34 3.88
C VAL D 111 -7.49 18.30 4.96
N TYR D 112 -7.81 18.74 6.18
CA TYR D 112 -7.84 17.87 7.35
C TYR D 112 -8.59 16.56 7.08
N GLY D 113 -9.80 16.66 6.55
CA GLY D 113 -10.60 15.46 6.33
C GLY D 113 -9.98 14.53 5.30
N PHE D 114 -9.36 15.10 4.27
CA PHE D 114 -8.76 14.28 3.22
C PHE D 114 -7.47 13.63 3.72
N GLN D 115 -6.66 14.37 4.49
CA GLN D 115 -5.37 13.84 4.94
C GLN D 115 -5.55 12.81 6.05
N TRP D 116 -6.59 12.95 6.86
CA TRP D 116 -6.82 12.00 7.94
C TRP D 116 -7.19 10.62 7.40
N ARG D 117 -7.97 10.58 6.32
CA ARG D 117 -8.54 9.34 5.82
C ARG D 117 -7.98 8.85 4.50
N HIS D 118 -7.32 9.71 3.72
CA HIS D 118 -6.85 9.34 2.39
C HIS D 118 -5.50 9.99 2.10
N PHE D 119 -4.57 9.85 3.05
CA PHE D 119 -3.24 10.45 2.86
C PHE D 119 -2.50 9.74 1.73
N GLY D 120 -2.03 10.52 0.77
CA GLY D 120 -1.28 10.01 -0.35
C GLY D 120 -2.08 9.90 -1.64
N ALA D 121 -3.40 9.84 -1.54
CA ALA D 121 -4.25 9.75 -2.73
C ALA D 121 -4.19 11.03 -3.53
N GLU D 122 -4.39 10.90 -4.85
CA GLU D 122 -4.42 12.05 -5.74
C GLU D 122 -5.77 12.74 -5.64
N TYR D 123 -5.75 14.01 -5.25
CA TYR D 123 -6.99 14.75 -5.03
C TYR D 123 -7.58 15.21 -6.36
N ARG D 124 -8.88 14.96 -6.54
CA ARG D 124 -9.57 15.43 -7.73
C ARG D 124 -10.43 16.63 -7.39
N ASP D 125 -11.58 16.41 -6.75
CA ASP D 125 -12.42 17.49 -6.27
C ASP D 125 -13.12 17.02 -5.00
N MET D 126 -13.91 17.93 -4.39
CA MET D 126 -14.53 17.63 -3.12
C MET D 126 -15.63 16.59 -3.23
N GLU D 127 -16.14 16.33 -4.44
CA GLU D 127 -17.22 15.38 -4.63
C GLU D 127 -16.74 14.04 -5.16
N SER D 128 -15.44 13.89 -5.41
CA SER D 128 -14.91 12.63 -5.91
C SER D 128 -14.94 11.56 -4.82
N ASP D 129 -14.98 10.31 -5.25
CA ASP D 129 -14.95 9.16 -4.34
C ASP D 129 -13.50 8.77 -4.09
N TYR D 130 -13.09 8.82 -2.82
CA TYR D 130 -11.73 8.47 -2.44
C TYR D 130 -11.66 7.24 -1.54
N SER D 131 -12.78 6.53 -1.36
CA SER D 131 -12.78 5.35 -0.49
C SER D 131 -11.84 4.28 -1.02
N GLY D 132 -10.96 3.78 -0.15
CA GLY D 132 -9.97 2.81 -0.54
C GLY D 132 -8.67 3.40 -1.07
N GLN D 133 -8.61 4.72 -1.24
CA GLN D 133 -7.42 5.38 -1.74
C GLN D 133 -6.69 6.08 -0.61
N GLY D 134 -5.36 6.00 -0.63
CA GLY D 134 -4.56 6.67 0.38
C GLY D 134 -4.51 5.90 1.69
N VAL D 135 -3.81 6.50 2.65
CA VAL D 135 -3.62 5.90 3.96
C VAL D 135 -4.69 6.43 4.91
N ASP D 136 -5.41 5.52 5.56
CA ASP D 136 -6.40 5.89 6.58
C ASP D 136 -5.68 5.97 7.92
N GLN D 137 -5.10 7.13 8.21
CA GLN D 137 -4.34 7.29 9.46
C GLN D 137 -5.25 7.14 10.68
N LEU D 138 -6.47 7.69 10.60
CA LEU D 138 -7.35 7.70 11.76
C LEU D 138 -7.69 6.29 12.21
N GLN D 139 -8.05 5.41 11.27
CA GLN D 139 -8.39 4.04 11.65
C GLN D 139 -7.14 3.27 12.05
N ARG D 140 -6.01 3.53 11.38
CA ARG D 140 -4.77 2.85 11.75
C ARG D 140 -4.30 3.27 13.13
N VAL D 141 -4.63 4.48 13.58
CA VAL D 141 -4.35 4.88 14.95
C VAL D 141 -5.11 4.01 15.93
N ILE D 142 -6.42 3.84 15.68
CA ILE D 142 -7.25 3.04 16.58
C ILE D 142 -6.79 1.59 16.59
N ASP D 143 -6.43 1.05 15.42
CA ASP D 143 -5.99 -0.34 15.36
C ASP D 143 -4.65 -0.53 16.05
N THR D 144 -3.73 0.43 15.90
CA THR D 144 -2.44 0.31 16.57
C THR D 144 -2.59 0.38 18.08
N ILE D 145 -3.52 1.22 18.56
CA ILE D 145 -3.76 1.32 19.99
C ILE D 145 -4.33 0.00 20.52
N LYS D 146 -5.21 -0.65 19.75
CA LYS D 146 -5.80 -1.91 20.19
C LYS D 146 -4.76 -3.03 20.23
N THR D 147 -3.81 -3.03 19.30
CA THR D 147 -2.88 -4.14 19.14
C THR D 147 -1.54 -3.92 19.80
N ASN D 148 -1.12 -2.67 20.03
CA ASN D 148 0.19 -2.38 20.61
C ASN D 148 0.14 -1.05 21.32
N PRO D 149 -0.29 -1.02 22.58
CA PRO D 149 -0.37 0.26 23.30
C PRO D 149 0.99 0.92 23.52
N ASP D 150 2.07 0.16 23.53
CA ASP D 150 3.41 0.70 23.75
C ASP D 150 3.99 1.39 22.52
N ASP D 151 3.28 1.38 21.39
CA ASP D 151 3.81 1.95 20.16
C ASP D 151 4.06 3.44 20.31
N ARG D 152 5.25 3.88 19.89
CA ARG D 152 5.67 5.27 19.99
C ARG D 152 5.55 6.02 18.67
N ARG D 153 4.76 5.50 17.72
CA ARG D 153 4.57 6.18 16.44
C ARG D 153 3.10 6.29 16.08
N ILE D 154 2.20 6.28 17.06
CA ILE D 154 0.77 6.44 16.83
C ILE D 154 0.50 7.89 16.50
N ILE D 155 0.64 8.24 15.22
CA ILE D 155 0.60 9.63 14.78
C ILE D 155 -0.40 9.77 13.63
N MET D 156 -1.19 10.85 13.68
CA MET D 156 -2.07 11.27 12.59
C MET D 156 -1.60 12.63 12.12
N CYS D 157 -1.06 12.68 10.90
CA CYS D 157 -0.44 13.89 10.37
C CYS D 157 -1.26 14.44 9.21
N ALA D 158 -1.62 15.71 9.29
CA ALA D 158 -2.37 16.39 8.24
C ALA D 158 -1.52 17.25 7.33
N TRP D 159 -0.22 17.41 7.65
CA TRP D 159 0.68 18.23 6.85
C TRP D 159 1.22 17.40 5.69
N ASN D 160 0.71 17.64 4.49
CA ASN D 160 1.13 16.91 3.30
C ASN D 160 1.84 17.88 2.36
N PRO D 161 3.18 17.91 2.37
CA PRO D 161 3.91 18.89 1.53
C PRO D 161 3.58 18.81 0.04
N ARG D 162 3.20 17.64 -0.47
CA ARG D 162 2.88 17.55 -1.89
C ARG D 162 1.57 18.24 -2.22
N ASP D 163 0.59 18.13 -1.33
CA ASP D 163 -0.74 18.68 -1.55
C ASP D 163 -0.90 20.12 -1.05
N LEU D 164 0.15 20.71 -0.50
CA LEU D 164 0.03 22.06 0.06
C LEU D 164 -0.43 23.10 -0.95
N PRO D 165 0.08 23.16 -2.19
CA PRO D 165 -0.40 24.20 -3.12
C PRO D 165 -1.87 24.06 -3.48
N LEU D 166 -2.48 22.91 -3.22
CA LEU D 166 -3.89 22.70 -3.54
C LEU D 166 -4.82 23.03 -2.39
N MET D 167 -4.28 23.37 -1.21
CA MET D 167 -5.09 23.62 -0.04
C MET D 167 -5.47 25.09 0.05
N ALA D 168 -6.74 25.36 0.34
CA ALA D 168 -7.18 26.73 0.56
C ALA D 168 -6.55 27.32 1.82
N LEU D 169 -6.30 26.50 2.82
CA LEU D 169 -5.62 26.89 4.05
C LEU D 169 -4.85 25.70 4.60
N PRO D 170 -3.52 25.76 4.63
CA PRO D 170 -2.76 24.62 5.12
C PRO D 170 -3.13 24.31 6.56
N PRO D 171 -2.98 23.05 6.98
CA PRO D 171 -3.44 22.67 8.32
C PRO D 171 -2.69 23.42 9.41
N CYS D 172 -3.45 24.00 10.34
CA CYS D 172 -2.84 24.69 11.47
C CYS D 172 -2.50 23.71 12.58
N HIS D 173 -3.43 22.81 12.92
CA HIS D 173 -3.13 21.66 13.76
C HIS D 173 -2.64 20.57 12.81
N ALA D 174 -1.31 20.49 12.66
CA ALA D 174 -0.70 19.75 11.56
C ALA D 174 -0.36 18.31 11.89
N LEU D 175 -0.13 18.00 13.16
CA LEU D 175 0.31 16.67 13.55
C LEU D 175 -0.14 16.41 14.99
N CYS D 176 -0.62 15.19 15.24
CA CYS D 176 -0.98 14.78 16.58
C CYS D 176 -0.47 13.36 16.84
N GLN D 177 -0.10 13.10 18.09
CA GLN D 177 0.42 11.81 18.52
C GLN D 177 -0.34 11.31 19.73
N PHE D 178 -0.56 10.01 19.79
CA PHE D 178 -1.25 9.38 20.90
C PHE D 178 -0.29 8.49 21.69
N TYR D 179 -0.65 8.24 22.94
CA TYR D 179 0.24 7.63 23.91
C TYR D 179 -0.58 6.87 24.93
N VAL D 180 -0.18 5.62 25.21
CA VAL D 180 -0.92 4.75 26.12
C VAL D 180 0.02 4.22 27.18
N VAL D 181 -0.36 4.39 28.45
CA VAL D 181 0.33 3.78 29.57
C VAL D 181 -0.65 3.75 30.74
N ASN D 182 -0.59 2.67 31.52
CA ASN D 182 -1.47 2.49 32.68
C ASN D 182 -2.94 2.67 32.30
N SER D 183 -3.31 2.12 31.15
CA SER D 183 -4.68 2.17 30.63
C SER D 183 -5.17 3.59 30.39
N GLU D 184 -4.26 4.55 30.25
CA GLU D 184 -4.61 5.94 29.98
C GLU D 184 -4.19 6.32 28.56
N LEU D 185 -5.10 6.96 27.84
CA LEU D 185 -4.83 7.45 26.49
C LEU D 185 -4.60 8.95 26.54
N SER D 186 -3.41 9.38 26.09
CA SER D 186 -3.05 10.78 26.05
C SER D 186 -2.82 11.21 24.60
N CYS D 187 -2.92 12.51 24.37
CA CYS D 187 -2.79 13.07 23.04
C CYS D 187 -1.99 14.36 23.09
N GLN D 188 -1.03 14.50 22.18
CA GLN D 188 -0.29 15.74 22.03
C GLN D 188 -0.49 16.26 20.61
N LEU D 189 -0.73 17.56 20.50
CA LEU D 189 -0.97 18.21 19.23
C LEU D 189 0.10 19.27 18.98
N TYR D 190 0.68 19.25 17.78
CA TYR D 190 1.56 20.33 17.35
C TYR D 190 0.76 21.25 16.45
N GLN D 191 0.48 22.45 16.92
CA GLN D 191 -0.25 23.46 16.17
C GLN D 191 0.76 24.47 15.64
N ARG D 192 0.99 24.44 14.33
CA ARG D 192 2.01 25.32 13.74
C ARG D 192 1.66 26.79 13.90
N SER D 193 0.38 27.13 13.99
CA SER D 193 -0.06 28.51 14.03
C SER D 193 -1.31 28.59 14.90
N GLY D 194 -1.28 29.46 15.90
CA GLY D 194 -2.38 29.54 16.84
C GLY D 194 -2.99 30.90 17.00
N ASP D 195 -4.21 31.07 16.48
CA ASP D 195 -5.02 32.26 16.77
C ASP D 195 -5.51 32.14 18.21
N MET D 196 -4.82 32.82 19.12
CA MET D 196 -5.06 32.63 20.55
C MET D 196 -6.47 33.04 20.97
N GLY D 197 -7.07 33.99 20.27
CA GLY D 197 -8.38 34.48 20.65
C GLY D 197 -9.52 33.66 20.08
N LEU D 198 -9.31 33.10 18.88
CA LEU D 198 -10.37 32.42 18.15
C LEU D 198 -10.09 30.93 18.01
N GLY D 199 -9.04 30.55 17.27
CA GLY D 199 -8.84 29.14 16.94
C GLY D 199 -8.39 28.29 18.11
N VAL D 200 -7.51 28.82 18.96
CA VAL D 200 -6.92 28.00 20.03
C VAL D 200 -7.96 27.44 20.98
N PRO D 201 -8.94 28.22 21.47
CA PRO D 201 -9.98 27.58 22.31
C PRO D 201 -10.78 26.52 21.57
N PHE D 202 -11.02 26.70 20.27
CA PHE D 202 -11.64 25.66 19.46
C PHE D 202 -10.77 24.40 19.40
N ASN D 203 -9.49 24.57 19.08
CA ASN D 203 -8.63 23.43 18.83
C ASN D 203 -8.44 22.58 20.09
N ILE D 204 -8.34 23.23 21.25
CA ILE D 204 -8.16 22.48 22.50
C ILE D 204 -9.36 21.58 22.76
N ALA D 205 -10.56 22.10 22.56
CA ALA D 205 -11.75 21.27 22.75
C ALA D 205 -11.89 20.25 21.65
N SER D 206 -11.41 20.56 20.45
CA SER D 206 -11.54 19.64 19.32
C SER D 206 -10.74 18.36 19.55
N TYR D 207 -9.44 18.50 19.83
CA TYR D 207 -8.60 17.32 20.03
C TYR D 207 -8.84 16.66 21.39
N ALA D 208 -9.38 17.39 22.36
CA ALA D 208 -9.84 16.74 23.58
C ALA D 208 -11.05 15.85 23.32
N LEU D 209 -11.98 16.34 22.49
CA LEU D 209 -13.14 15.53 22.12
C LEU D 209 -12.71 14.31 21.31
N LEU D 210 -11.75 14.48 20.40
CA LEU D 210 -11.25 13.36 19.61
C LEU D 210 -10.59 12.32 20.51
N THR D 211 -9.87 12.77 21.54
CA THR D 211 -9.25 11.85 22.48
C THR D 211 -10.31 11.07 23.24
N TYR D 212 -11.41 11.73 23.60
CA TYR D 212 -12.52 11.03 24.24
C TYR D 212 -13.13 10.00 23.29
N MET D 213 -13.19 10.32 22.00
CA MET D 213 -13.74 9.40 21.02
C MET D 213 -12.87 8.14 20.89
N ILE D 214 -11.57 8.33 20.72
CA ILE D 214 -10.67 7.19 20.53
C ILE D 214 -10.58 6.35 21.81
N ALA D 215 -10.52 7.02 22.96
CA ALA D 215 -10.47 6.30 24.23
C ALA D 215 -11.74 5.50 24.45
N HIS D 216 -12.89 6.02 24.01
CA HIS D 216 -14.14 5.28 24.13
C HIS D 216 -14.14 4.03 23.27
N ILE D 217 -13.57 4.11 22.06
CA ILE D 217 -13.57 2.97 21.16
C ILE D 217 -12.57 1.91 21.63
N THR D 218 -11.37 2.33 22.02
CA THR D 218 -10.34 1.38 22.43
C THR D 218 -10.49 0.94 23.88
N GLY D 219 -11.50 1.43 24.60
CA GLY D 219 -11.70 1.02 25.98
C GLY D 219 -10.65 1.56 26.93
N LEU D 220 -10.08 2.71 26.62
CA LEU D 220 -9.08 3.34 27.47
C LEU D 220 -9.66 4.58 28.13
N LYS D 221 -8.97 5.05 29.17
CA LYS D 221 -9.43 6.25 29.86
C LYS D 221 -8.63 7.44 29.40
N PRO D 222 -9.27 8.56 29.06
CA PRO D 222 -8.52 9.74 28.64
C PRO D 222 -7.62 10.26 29.75
N GLY D 223 -6.40 10.63 29.38
CA GLY D 223 -5.40 11.12 30.32
C GLY D 223 -5.14 12.61 30.19
N ASP D 224 -4.10 12.96 29.45
CA ASP D 224 -3.70 14.35 29.27
C ASP D 224 -3.76 14.74 27.80
N PHE D 225 -4.05 16.01 27.56
CA PHE D 225 -3.93 16.62 26.23
C PHE D 225 -2.84 17.69 26.30
N ILE D 226 -1.74 17.46 25.60
CA ILE D 226 -0.61 18.38 25.58
C ILE D 226 -0.74 19.25 24.33
N HIS D 227 -0.95 20.54 24.53
CA HIS D 227 -1.13 21.49 23.42
C HIS D 227 0.19 22.20 23.16
N THR D 228 0.82 21.86 22.05
CA THR D 228 2.08 22.46 21.65
C THR D 228 1.84 23.46 20.53
N LEU D 229 2.32 24.68 20.71
CA LEU D 229 2.09 25.77 19.77
C LEU D 229 3.39 26.14 19.08
N GLY D 230 3.30 26.48 17.79
CA GLY D 230 4.41 27.04 17.06
C GLY D 230 4.38 28.56 17.13
N ASP D 231 3.71 29.18 16.17
CA ASP D 231 3.54 30.64 16.16
C ASP D 231 2.25 30.94 16.92
N ALA D 232 2.37 31.11 18.24
CA ALA D 232 1.25 31.54 19.06
C ALA D 232 1.16 33.06 18.99
N HIS D 233 0.11 33.57 18.35
CA HIS D 233 -0.01 34.99 18.07
C HIS D 233 -1.38 35.50 18.49
N ILE D 234 -1.42 36.77 18.90
CA ILE D 234 -2.64 37.48 19.23
C ILE D 234 -2.81 38.60 18.21
N TYR D 235 -3.88 38.54 17.43
CA TYR D 235 -4.16 39.58 16.45
C TYR D 235 -4.43 40.92 17.14
N LEU D 236 -4.12 42.00 16.42
CA LEU D 236 -4.25 43.33 17.00
C LEU D 236 -5.68 43.64 17.41
N ASN D 237 -6.65 43.27 16.57
CA ASN D 237 -8.06 43.47 16.88
C ASN D 237 -8.58 42.49 17.92
N HIS D 238 -7.71 41.70 18.54
CA HIS D 238 -8.06 40.83 19.65
C HIS D 238 -7.44 41.25 20.96
N ILE D 239 -6.60 42.29 20.97
CA ILE D 239 -5.86 42.65 22.17
C ILE D 239 -6.82 43.16 23.25
N GLU D 240 -7.71 44.08 22.89
CA GLU D 240 -8.65 44.65 23.84
C GLU D 240 -9.74 43.64 24.22
N PRO D 241 -10.29 42.85 23.28
CA PRO D 241 -11.22 41.78 23.70
C PRO D 241 -10.59 40.76 24.62
N LEU D 242 -9.33 40.38 24.38
CA LEU D 242 -8.69 39.40 25.24
C LEU D 242 -8.34 39.99 26.60
N LYS D 243 -8.07 41.29 26.66
CA LYS D 243 -7.82 41.94 27.95
C LYS D 243 -9.06 41.88 28.84
N ILE D 244 -10.25 41.86 28.24
CA ILE D 244 -11.47 41.70 29.03
C ILE D 244 -11.58 40.26 29.53
N GLN D 245 -11.31 39.28 28.66
CA GLN D 245 -11.38 37.88 29.07
C GLN D 245 -10.39 37.57 30.17
N LEU D 246 -9.23 38.23 30.17
CA LEU D 246 -8.22 37.98 31.19
C LEU D 246 -8.65 38.47 32.57
N GLN D 247 -9.70 39.28 32.64
CA GLN D 247 -10.23 39.77 33.90
C GLN D 247 -11.33 38.88 34.46
N ARG D 248 -11.68 37.81 33.75
CA ARG D 248 -12.78 36.93 34.15
C ARG D 248 -12.25 35.81 35.03
N GLU D 249 -12.98 35.52 36.10
CA GLU D 249 -12.59 34.46 37.03
C GLU D 249 -12.88 33.10 36.41
N PRO D 250 -11.88 32.23 36.24
CA PRO D 250 -12.15 30.91 35.63
C PRO D 250 -12.99 30.03 36.55
N ARG D 251 -13.86 29.25 35.94
CA ARG D 251 -14.76 28.34 36.61
C ARG D 251 -14.40 26.89 36.34
N PRO D 252 -14.83 25.96 37.18
CA PRO D 252 -14.46 24.55 36.99
C PRO D 252 -14.85 24.04 35.60
N PHE D 253 -14.01 23.17 35.06
CA PHE D 253 -14.26 22.62 33.74
C PHE D 253 -15.53 21.77 33.74
N PRO D 254 -16.24 21.73 32.62
CA PRO D 254 -17.39 20.84 32.51
C PRO D 254 -16.98 19.40 32.30
N LYS D 255 -17.94 18.52 32.06
CA LYS D 255 -17.67 17.12 31.80
C LYS D 255 -18.32 16.70 30.49
N LEU D 256 -17.73 15.71 29.84
CA LEU D 256 -18.23 15.17 28.59
C LEU D 256 -18.72 13.74 28.82
N ARG D 257 -19.99 13.49 28.54
CA ARG D 257 -20.60 12.18 28.70
C ARG D 257 -20.97 11.64 27.33
N ILE D 258 -20.57 10.41 27.05
CA ILE D 258 -20.91 9.74 25.81
C ILE D 258 -22.12 8.86 26.09
N LEU D 259 -23.20 9.07 25.33
CA LEU D 259 -24.50 8.53 25.68
C LEU D 259 -24.73 7.09 25.21
N ARG D 260 -23.89 6.58 24.32
CA ARG D 260 -24.07 5.20 23.86
C ARG D 260 -22.71 4.60 23.53
N LYS D 261 -22.66 3.26 23.55
CA LYS D 261 -21.44 2.54 23.22
C LYS D 261 -21.27 2.53 21.70
N VAL D 262 -20.23 3.20 21.21
CA VAL D 262 -19.96 3.29 19.79
C VAL D 262 -18.74 2.43 19.48
N GLU D 263 -18.83 1.66 18.40
CA GLU D 263 -17.79 0.71 18.03
C GLU D 263 -16.80 1.26 17.00
N LYS D 264 -17.30 1.97 15.99
CA LYS D 264 -16.44 2.53 14.95
C LYS D 264 -16.51 4.05 15.01
N ILE D 265 -15.37 4.70 14.74
CA ILE D 265 -15.30 6.16 14.83
C ILE D 265 -16.20 6.83 13.80
N ASP D 266 -16.53 6.14 12.71
CA ASP D 266 -17.47 6.71 11.75
C ASP D 266 -18.90 6.68 12.26
N ASP D 267 -19.19 5.86 13.27
CA ASP D 267 -20.54 5.74 13.80
C ASP D 267 -20.91 6.83 14.79
N PHE D 268 -19.94 7.63 15.24
CA PHE D 268 -20.24 8.71 16.18
C PHE D 268 -21.14 9.74 15.52
N LYS D 269 -22.23 10.08 16.20
CA LYS D 269 -23.15 11.11 15.77
C LYS D 269 -23.17 12.23 16.80
N ALA D 270 -23.67 13.40 16.37
CA ALA D 270 -23.69 14.57 17.24
C ALA D 270 -24.56 14.35 18.47
N GLU D 271 -25.53 13.45 18.40
CA GLU D 271 -26.44 13.20 19.52
C GLU D 271 -25.84 12.29 20.57
N ASP D 272 -24.68 11.68 20.31
CA ASP D 272 -24.06 10.77 21.26
C ASP D 272 -23.30 11.51 22.37
N PHE D 273 -23.20 12.84 22.30
CA PHE D 273 -22.38 13.60 23.22
C PHE D 273 -23.23 14.58 24.01
N GLN D 274 -22.80 14.84 25.24
CA GLN D 274 -23.52 15.74 26.13
C GLN D 274 -22.51 16.42 27.05
N ILE D 275 -22.45 17.75 26.99
CA ILE D 275 -21.59 18.53 27.86
C ILE D 275 -22.38 18.85 29.13
N GLU D 276 -21.84 18.45 30.28
CA GLU D 276 -22.51 18.62 31.56
C GLU D 276 -21.73 19.58 32.45
N GLY D 277 -22.47 20.46 33.12
CA GLY D 277 -21.84 21.39 34.05
C GLY D 277 -21.07 22.52 33.42
N TYR D 278 -21.48 22.95 32.22
CA TYR D 278 -20.79 24.01 31.50
C TYR D 278 -21.46 25.34 31.85
N ASN D 279 -20.78 26.15 32.66
CA ASN D 279 -21.26 27.46 33.08
C ASN D 279 -20.21 28.49 32.70
N PRO D 280 -20.16 28.89 31.43
CA PRO D 280 -19.13 29.83 30.98
C PRO D 280 -19.56 31.28 31.13
N HIS D 281 -18.56 32.16 31.04
CA HIS D 281 -18.81 33.60 30.95
C HIS D 281 -19.40 33.93 29.59
N PRO D 282 -19.96 35.13 29.42
CA PRO D 282 -20.56 35.50 28.13
C PRO D 282 -19.59 35.40 26.95
N THR D 283 -20.17 35.26 25.77
CA THR D 283 -19.40 35.12 24.54
C THR D 283 -18.68 36.42 24.19
N ILE D 284 -17.47 36.29 23.66
CA ILE D 284 -16.65 37.44 23.24
C ILE D 284 -16.47 37.33 21.73
N LYS D 285 -17.03 38.29 21.00
CA LYS D 285 -16.92 38.27 19.54
C LYS D 285 -15.52 38.67 19.11
N MET D 286 -14.92 37.88 18.22
CA MET D 286 -13.59 38.15 17.70
C MET D 286 -13.57 37.89 16.20
N GLU D 287 -13.10 38.89 15.45
CA GLU D 287 -13.11 38.78 14.00
C GLU D 287 -12.05 37.79 13.50
N MET D 288 -12.38 37.11 12.41
CA MET D 288 -11.46 36.17 11.80
C MET D 288 -10.62 36.89 10.75
N ALA D 289 -9.32 36.57 10.73
CA ALA D 289 -8.44 37.06 9.67
C ALA D 289 -8.55 36.15 8.46
N VAL D 290 -9.05 36.68 7.36
CA VAL D 290 -9.29 35.87 6.16
C VAL D 290 -8.18 36.08 5.13
#